data_1XF7
#
_entry.id   1XF7
#
loop_
_entity.id
_entity.type
_entity.pdbx_description
1 polymer "Wilms' Tumor Protein"
2 non-polymer 'ZINC ION'
#
_entity_poly.entity_id   1
_entity_poly.type   'polypeptide(L)'
_entity_poly.pdbx_seq_one_letter_code
;KPFQCKTCQRKFSRSDHLKTHTRTHTGEK
;
_entity_poly.pdbx_strand_id   A
#
# COMPACT_ATOMS: atom_id res chain seq x y z
N LYS A 1 7.49 9.71 8.02
CA LYS A 1 6.04 9.54 7.74
C LYS A 1 5.78 8.12 7.19
N PRO A 2 6.04 7.12 7.99
CA PRO A 2 5.96 5.68 7.55
C PRO A 2 4.51 5.21 7.45
N PHE A 3 4.29 4.40 6.46
CA PHE A 3 2.94 3.80 6.17
C PHE A 3 3.07 2.28 6.15
N GLN A 4 1.97 1.62 6.38
CA GLN A 4 1.97 0.12 6.38
C GLN A 4 0.77 -0.37 5.55
N CYS A 5 0.94 -1.47 4.85
CA CYS A 5 -0.17 -2.01 4.02
C CYS A 5 -0.91 -2.96 4.96
N LYS A 6 -2.21 -2.84 4.96
CA LYS A 6 -3.05 -3.73 5.85
C LYS A 6 -3.65 -4.83 4.98
N THR A 7 -2.85 -5.24 4.02
CA THR A 7 -3.27 -6.32 3.07
C THR A 7 -2.17 -7.39 3.02
N CYS A 8 -0.92 -6.97 3.02
CA CYS A 8 0.19 -7.98 2.98
C CYS A 8 1.14 -7.79 4.17
N GLN A 9 1.40 -6.54 4.43
CA GLN A 9 2.27 -6.01 5.53
C GLN A 9 3.62 -5.58 4.95
N ARG A 10 3.52 -4.58 4.12
CA ARG A 10 4.71 -3.98 3.42
C ARG A 10 4.67 -2.52 3.86
N LYS A 11 5.79 -1.84 3.90
CA LYS A 11 5.76 -0.40 4.34
C LYS A 11 6.08 0.57 3.21
N PHE A 12 5.73 1.80 3.45
CA PHE A 12 5.96 2.89 2.44
C PHE A 12 6.37 4.16 3.18
N SER A 13 6.66 5.18 2.41
CA SER A 13 7.09 6.51 2.97
C SER A 13 5.98 7.56 2.81
N ARG A 14 5.14 7.35 1.83
CA ARG A 14 4.01 8.31 1.57
C ARG A 14 2.68 7.57 1.60
N SER A 15 1.63 8.34 1.69
CA SER A 15 0.26 7.76 1.72
C SER A 15 -0.10 7.42 0.27
N ASP A 16 0.39 8.23 -0.63
CA ASP A 16 0.13 8.02 -2.08
C ASP A 16 0.92 6.78 -2.48
N HIS A 17 2.05 6.58 -1.84
CA HIS A 17 2.88 5.38 -2.18
C HIS A 17 2.05 4.17 -1.73
N LEU A 18 1.79 4.12 -0.44
CA LEU A 18 0.98 3.01 0.16
C LEU A 18 -0.21 2.65 -0.75
N LYS A 19 -1.01 3.65 -1.03
CA LYS A 19 -2.20 3.48 -1.91
C LYS A 19 -1.83 2.78 -3.24
N THR A 20 -1.02 3.43 -4.05
CA THR A 20 -0.58 2.85 -5.37
C THR A 20 -0.24 1.36 -5.23
N HIS A 21 0.44 1.08 -4.16
CA HIS A 21 0.84 -0.32 -3.86
C HIS A 21 -0.34 -1.27 -3.54
N THR A 22 -1.09 -0.91 -2.52
CA THR A 22 -2.26 -1.71 -2.07
C THR A 22 -3.21 -2.03 -3.20
N ARG A 23 -3.41 -1.09 -4.09
CA ARG A 23 -4.34 -1.37 -5.21
C ARG A 23 -3.80 -2.36 -6.27
N THR A 24 -2.88 -3.18 -5.85
CA THR A 24 -2.26 -4.21 -6.76
C THR A 24 -2.72 -5.57 -6.19
N HIS A 25 -3.41 -5.51 -5.08
CA HIS A 25 -3.95 -6.72 -4.38
C HIS A 25 -5.35 -7.00 -4.91
N THR A 26 -6.15 -5.96 -4.92
CA THR A 26 -7.56 -6.05 -5.40
C THR A 26 -7.76 -5.18 -6.65
N GLY A 27 -7.08 -4.06 -6.61
CA GLY A 27 -7.12 -3.03 -7.72
C GLY A 27 -8.48 -2.93 -8.44
N GLU A 28 -9.52 -3.08 -7.64
CA GLU A 28 -10.95 -3.02 -8.05
C GLU A 28 -11.20 -2.34 -9.39
N LYS A 29 -10.83 -1.09 -9.40
CA LYS A 29 -10.96 -0.20 -10.60
C LYS A 29 -9.60 0.37 -11.01
N LYS A 1 7.59 9.82 8.46
CA LYS A 1 6.68 8.71 8.89
C LYS A 1 6.62 7.66 7.75
N PRO A 2 6.56 6.40 8.10
CA PRO A 2 6.20 5.33 7.14
C PRO A 2 4.70 4.98 7.21
N PHE A 3 4.30 4.25 6.22
CA PHE A 3 2.89 3.78 6.05
C PHE A 3 2.96 2.27 5.95
N GLN A 4 1.85 1.61 6.18
CA GLN A 4 1.85 0.11 6.10
C GLN A 4 0.59 -0.37 5.38
N CYS A 5 0.73 -1.53 4.78
CA CYS A 5 -0.38 -2.17 4.03
C CYS A 5 -1.00 -3.19 5.00
N LYS A 6 -2.31 -3.18 5.07
CA LYS A 6 -3.03 -4.12 5.98
C LYS A 6 -3.54 -5.30 5.16
N THR A 7 -2.70 -5.69 4.23
CA THR A 7 -3.02 -6.83 3.32
C THR A 7 -1.84 -7.79 3.26
N CYS A 8 -0.65 -7.25 3.17
CA CYS A 8 0.58 -8.13 3.11
C CYS A 8 1.54 -7.82 4.26
N GLN A 9 1.46 -6.60 4.73
CA GLN A 9 2.29 -6.05 5.85
C GLN A 9 3.63 -5.54 5.31
N ARG A 10 3.50 -4.74 4.30
CA ARG A 10 4.68 -4.12 3.62
C ARG A 10 4.58 -2.65 4.01
N LYS A 11 5.68 -1.94 3.98
CA LYS A 11 5.62 -0.50 4.35
C LYS A 11 6.05 0.42 3.20
N PHE A 12 5.69 1.67 3.37
CA PHE A 12 5.99 2.74 2.37
C PHE A 12 6.46 4.02 3.07
N SER A 13 6.66 5.05 2.29
CA SER A 13 7.12 6.37 2.83
C SER A 13 5.98 7.40 2.84
N ARG A 14 5.22 7.41 1.78
CA ARG A 14 4.07 8.37 1.65
C ARG A 14 2.74 7.61 1.67
N SER A 15 1.68 8.36 1.64
CA SER A 15 0.31 7.76 1.65
C SER A 15 -0.12 7.47 0.21
N ASP A 16 0.22 8.36 -0.69
CA ASP A 16 -0.16 8.14 -2.11
C ASP A 16 0.63 6.92 -2.55
N HIS A 17 1.80 6.74 -1.94
CA HIS A 17 2.63 5.56 -2.31
C HIS A 17 1.83 4.32 -1.87
N LEU A 18 1.52 4.24 -0.60
CA LEU A 18 0.73 3.08 -0.06
C LEU A 18 -0.45 2.80 -1.00
N LYS A 19 -1.25 3.81 -1.28
CA LYS A 19 -2.43 3.67 -2.20
C LYS A 19 -1.98 2.95 -3.49
N THR A 20 -1.06 3.55 -4.19
CA THR A 20 -0.54 2.94 -5.46
C THR A 20 -0.30 1.43 -5.24
N HIS A 21 0.30 1.12 -4.11
CA HIS A 21 0.60 -0.29 -3.75
C HIS A 21 -0.68 -1.14 -3.52
N THR A 22 -1.58 -0.73 -2.66
CA THR A 22 -2.84 -1.47 -2.37
C THR A 22 -3.48 -1.98 -3.66
N ARG A 23 -3.23 -1.24 -4.72
CA ARG A 23 -3.79 -1.63 -6.05
C ARG A 23 -2.96 -2.73 -6.77
N THR A 24 -2.63 -3.72 -5.97
CA THR A 24 -1.85 -4.93 -6.36
C THR A 24 -2.66 -6.11 -5.79
N HIS A 25 -3.38 -5.79 -4.73
CA HIS A 25 -4.24 -6.77 -4.01
C HIS A 25 -5.65 -6.47 -4.54
N THR A 26 -5.98 -5.21 -4.54
CA THR A 26 -7.31 -4.74 -5.03
C THR A 26 -7.02 -4.04 -6.36
N GLY A 27 -6.18 -4.71 -7.11
CA GLY A 27 -5.73 -4.26 -8.45
C GLY A 27 -6.11 -5.35 -9.44
N GLU A 28 -7.40 -5.48 -9.62
CA GLU A 28 -7.97 -6.50 -10.56
C GLU A 28 -8.33 -5.78 -11.86
N LYS A 29 -9.11 -4.76 -11.68
CA LYS A 29 -9.63 -3.86 -12.78
C LYS A 29 -9.46 -4.42 -14.20
N LYS A 1 3.75 9.46 9.97
CA LYS A 1 4.20 8.08 10.28
C LYS A 1 4.74 7.40 9.00
N PRO A 2 5.22 6.18 9.15
CA PRO A 2 5.17 5.16 8.07
C PRO A 2 3.71 4.83 7.75
N PHE A 3 3.57 4.29 6.58
CA PHE A 3 2.23 3.87 6.04
C PHE A 3 2.39 2.37 5.96
N GLN A 4 1.34 1.63 6.24
CA GLN A 4 1.45 0.14 6.17
C GLN A 4 0.32 -0.45 5.32
N CYS A 5 0.57 -1.62 4.79
CA CYS A 5 -0.46 -2.29 3.94
C CYS A 5 -1.06 -3.34 4.89
N LYS A 6 -2.37 -3.45 4.87
CA LYS A 6 -3.07 -4.43 5.76
C LYS A 6 -3.44 -5.67 4.95
N THR A 7 -2.50 -6.04 4.12
CA THR A 7 -2.67 -7.23 3.25
C THR A 7 -1.41 -8.08 3.25
N CYS A 8 -0.29 -7.43 3.05
CA CYS A 8 1.01 -8.18 3.03
C CYS A 8 1.97 -7.59 4.07
N GLN A 9 1.63 -6.40 4.51
CA GLN A 9 2.41 -5.66 5.53
C GLN A 9 3.74 -5.20 4.92
N ARG A 10 3.53 -4.36 3.96
CA ARG A 10 4.61 -3.72 3.17
C ARG A 10 4.40 -2.26 3.55
N LYS A 11 5.41 -1.67 4.14
CA LYS A 11 5.27 -0.25 4.54
C LYS A 11 5.80 0.69 3.47
N PHE A 12 5.43 1.93 3.63
CA PHE A 12 5.83 3.00 2.67
C PHE A 12 6.27 4.25 3.44
N SER A 13 6.75 5.19 2.68
CA SER A 13 7.24 6.48 3.25
C SER A 13 6.11 7.51 3.13
N ARG A 14 5.43 7.43 2.02
CA ARG A 14 4.28 8.35 1.73
C ARG A 14 2.99 7.52 1.74
N SER A 15 1.91 8.22 1.49
CA SER A 15 0.56 7.60 1.46
C SER A 15 0.20 7.33 0.00
N ASP A 16 0.84 8.05 -0.89
CA ASP A 16 0.58 7.90 -2.36
C ASP A 16 1.56 6.85 -2.93
N HIS A 17 1.95 6.01 -2.01
CA HIS A 17 2.88 4.87 -2.22
C HIS A 17 2.10 3.66 -1.74
N LEU A 18 1.39 3.88 -0.65
CA LEU A 18 0.56 2.82 -0.03
C LEU A 18 -0.68 2.67 -0.91
N LYS A 19 -1.35 3.78 -1.19
CA LYS A 19 -2.58 3.75 -2.04
C LYS A 19 -2.20 3.39 -3.50
N THR A 20 -0.94 3.51 -3.80
CA THR A 20 -0.42 3.20 -5.18
C THR A 20 0.09 1.75 -5.19
N HIS A 21 0.16 1.17 -4.02
CA HIS A 21 0.63 -0.24 -3.83
C HIS A 21 -0.58 -1.18 -3.74
N THR A 22 -1.46 -0.88 -2.80
CA THR A 22 -2.70 -1.65 -2.50
C THR A 22 -3.46 -2.05 -3.75
N ARG A 23 -3.21 -1.36 -4.83
CA ARG A 23 -3.92 -1.69 -6.10
C ARG A 23 -3.32 -2.95 -6.78
N THR A 24 -2.76 -3.81 -5.95
CA THR A 24 -2.13 -5.09 -6.38
C THR A 24 -2.93 -6.21 -5.71
N HIS A 25 -3.59 -5.83 -4.65
CA HIS A 25 -4.44 -6.76 -3.84
C HIS A 25 -5.89 -6.45 -4.17
N THR A 26 -6.21 -5.18 -4.17
CA THR A 26 -7.61 -4.74 -4.48
C THR A 26 -7.57 -4.00 -5.82
N GLY A 27 -6.87 -4.63 -6.73
CA GLY A 27 -6.70 -4.09 -8.11
C GLY A 27 -7.08 -5.18 -9.12
N GLU A 28 -6.52 -6.34 -8.91
CA GLU A 28 -6.77 -7.52 -9.80
C GLU A 28 -7.32 -8.71 -9.02
N LYS A 29 -6.54 -9.13 -8.05
CA LYS A 29 -6.90 -10.29 -7.18
C LYS A 29 -6.91 -9.87 -5.71
N LYS A 1 7.05 8.62 10.23
CA LYS A 1 5.63 8.22 10.08
C LYS A 1 5.48 7.33 8.82
N PRO A 2 5.78 6.06 8.93
CA PRO A 2 5.56 5.08 7.83
C PRO A 2 4.08 4.93 7.50
N PHE A 3 3.88 4.26 6.40
CA PHE A 3 2.52 3.95 5.84
C PHE A 3 2.54 2.47 5.48
N GLN A 4 1.78 1.67 6.19
CA GLN A 4 1.77 0.21 5.87
C GLN A 4 0.49 -0.28 5.20
N CYS A 5 0.68 -1.39 4.52
CA CYS A 5 -0.36 -2.10 3.77
C CYS A 5 -0.81 -3.20 4.74
N LYS A 6 -2.04 -3.07 5.19
CA LYS A 6 -2.60 -4.07 6.15
C LYS A 6 -3.21 -5.23 5.38
N THR A 7 -2.65 -5.45 4.22
CA THR A 7 -3.10 -6.53 3.32
C THR A 7 -1.97 -7.56 3.18
N CYS A 8 -0.74 -7.09 3.05
CA CYS A 8 0.41 -8.05 2.92
C CYS A 8 1.41 -7.86 4.07
N GLN A 9 1.53 -6.62 4.47
CA GLN A 9 2.42 -6.11 5.58
C GLN A 9 3.72 -5.56 4.98
N ARG A 10 3.52 -4.58 4.13
CA ARG A 10 4.64 -3.88 3.44
C ARG A 10 4.54 -2.42 3.87
N LYS A 11 5.64 -1.74 4.00
CA LYS A 11 5.59 -0.31 4.44
C LYS A 11 6.03 0.65 3.32
N PHE A 12 5.66 1.88 3.55
CA PHE A 12 5.97 2.99 2.60
C PHE A 12 6.37 4.24 3.39
N SER A 13 6.67 5.29 2.67
CA SER A 13 7.09 6.58 3.29
C SER A 13 5.91 7.55 3.24
N ARG A 14 5.15 7.43 2.19
CA ARG A 14 3.95 8.30 1.99
C ARG A 14 2.65 7.47 1.92
N SER A 15 1.55 8.19 1.92
CA SER A 15 0.20 7.54 1.87
C SER A 15 -0.13 7.28 0.39
N ASP A 16 0.30 8.19 -0.45
CA ASP A 16 0.05 8.04 -1.92
C ASP A 16 0.83 6.79 -2.32
N HIS A 17 2.00 6.66 -1.74
CA HIS A 17 2.84 5.47 -2.06
C HIS A 17 2.01 4.22 -1.73
N LEU A 18 1.62 4.12 -0.48
CA LEU A 18 0.79 2.97 0.00
C LEU A 18 -0.32 2.67 -1.05
N LYS A 19 -1.11 3.66 -1.35
CA LYS A 19 -2.22 3.50 -2.35
C LYS A 19 -1.69 2.83 -3.63
N THR A 20 -0.76 3.49 -4.27
CA THR A 20 -0.14 2.95 -5.54
C THR A 20 0.09 1.43 -5.43
N HIS A 21 0.64 1.08 -4.30
CA HIS A 21 0.95 -0.36 -4.01
C HIS A 21 -0.30 -1.26 -3.83
N THR A 22 -1.19 -0.90 -2.94
CA THR A 22 -2.42 -1.67 -2.67
C THR A 22 -3.16 -2.13 -3.92
N ARG A 23 -2.97 -1.41 -4.99
CA ARG A 23 -3.62 -1.76 -6.29
C ARG A 23 -3.38 -3.21 -6.74
N THR A 24 -2.38 -3.86 -6.19
CA THR A 24 -2.07 -5.27 -6.57
C THR A 24 -2.88 -6.29 -5.73
N HIS A 25 -3.62 -5.78 -4.78
CA HIS A 25 -4.47 -6.61 -3.87
C HIS A 25 -5.93 -6.25 -4.16
N THR A 26 -6.17 -4.98 -4.35
CA THR A 26 -7.54 -4.47 -4.64
C THR A 26 -7.64 -3.99 -6.09
N GLY A 27 -7.01 -4.75 -6.96
CA GLY A 27 -7.01 -4.45 -8.43
C GLY A 27 -7.55 -5.67 -9.17
N GLU A 28 -8.70 -6.11 -8.73
CA GLU A 28 -9.39 -7.29 -9.32
C GLU A 28 -10.72 -6.86 -9.96
N LYS A 29 -11.39 -7.81 -10.56
CA LYS A 29 -12.69 -7.53 -11.23
C LYS A 29 -13.81 -8.37 -10.58
N LYS A 1 5.36 10.25 8.64
CA LYS A 1 5.39 8.94 9.34
C LYS A 1 5.49 7.78 8.32
N PRO A 2 5.78 6.59 8.81
CA PRO A 2 5.66 5.33 8.01
C PRO A 2 4.19 4.98 7.75
N PHE A 3 4.00 4.35 6.63
CA PHE A 3 2.65 3.90 6.17
C PHE A 3 2.76 2.40 5.99
N GLN A 4 1.67 1.69 6.14
CA GLN A 4 1.74 0.21 5.97
C GLN A 4 0.51 -0.32 5.23
N CYS A 5 0.74 -1.45 4.59
CA CYS A 5 -0.33 -2.13 3.83
C CYS A 5 -0.82 -3.19 4.80
N LYS A 6 -2.06 -3.07 5.18
CA LYS A 6 -2.66 -4.04 6.14
C LYS A 6 -3.31 -5.17 5.33
N THR A 7 -2.64 -5.50 4.26
CA THR A 7 -3.09 -6.57 3.34
C THR A 7 -1.96 -7.61 3.25
N CYS A 8 -0.74 -7.12 3.12
CA CYS A 8 0.43 -8.06 3.02
C CYS A 8 1.39 -7.85 4.18
N GLN A 9 1.53 -6.60 4.55
CA GLN A 9 2.40 -6.06 5.65
C GLN A 9 3.69 -5.51 5.04
N ARG A 10 3.47 -4.60 4.12
CA ARG A 10 4.61 -3.92 3.40
C ARG A 10 4.57 -2.50 3.97
N LYS A 11 5.67 -1.79 3.90
CA LYS A 11 5.70 -0.39 4.45
C LYS A 11 6.05 0.61 3.35
N PHE A 12 5.68 1.84 3.59
CA PHE A 12 5.94 2.95 2.62
C PHE A 12 6.41 4.21 3.34
N SER A 13 6.81 5.14 2.53
CA SER A 13 7.31 6.46 2.99
C SER A 13 6.16 7.47 2.92
N ARG A 14 5.36 7.30 1.89
CA ARG A 14 4.18 8.18 1.66
C ARG A 14 2.87 7.40 1.76
N SER A 15 1.81 8.13 1.64
CA SER A 15 0.43 7.56 1.70
C SER A 15 -0.01 7.32 0.26
N ASP A 16 0.43 8.19 -0.62
CA ASP A 16 0.09 8.07 -2.07
C ASP A 16 0.75 6.77 -2.52
N HIS A 17 1.93 6.56 -1.99
CA HIS A 17 2.72 5.33 -2.32
C HIS A 17 1.85 4.14 -1.89
N LEU A 18 1.52 4.11 -0.62
CA LEU A 18 0.68 3.01 -0.06
C LEU A 18 -0.51 2.73 -1.01
N LYS A 19 -1.29 3.75 -1.31
CA LYS A 19 -2.46 3.57 -2.23
C LYS A 19 -2.03 2.86 -3.54
N THR A 20 -1.12 3.45 -4.25
CA THR A 20 -0.64 2.83 -5.54
C THR A 20 -0.42 1.33 -5.36
N HIS A 21 0.23 1.02 -4.27
CA HIS A 21 0.54 -0.38 -3.90
C HIS A 21 -0.70 -1.25 -3.61
N THR A 22 -1.53 -0.84 -2.68
CA THR A 22 -2.77 -1.60 -2.31
C THR A 22 -3.50 -2.08 -3.56
N ARG A 23 -3.35 -1.29 -4.60
CA ARG A 23 -3.99 -1.61 -5.90
C ARG A 23 -3.18 -2.69 -6.68
N THR A 24 -2.70 -3.64 -5.91
CA THR A 24 -1.90 -4.81 -6.39
C THR A 24 -2.66 -6.04 -5.88
N HIS A 25 -3.37 -5.82 -4.80
CA HIS A 25 -4.18 -6.86 -4.12
C HIS A 25 -5.60 -6.60 -4.64
N THR A 26 -5.95 -5.33 -4.59
CA THR A 26 -7.29 -4.87 -5.06
C THR A 26 -7.00 -4.04 -6.33
N GLY A 27 -6.40 -4.73 -7.27
CA GLY A 27 -6.02 -4.14 -8.58
C GLY A 27 -6.93 -4.77 -9.63
N GLU A 28 -8.16 -4.30 -9.56
CA GLU A 28 -9.33 -4.69 -10.41
C GLU A 28 -9.10 -5.73 -11.51
N LYS A 29 -9.98 -6.70 -11.52
CA LYS A 29 -9.91 -7.82 -12.52
C LYS A 29 -11.12 -7.73 -13.46
N LYS A 1 4.84 10.06 9.11
CA LYS A 1 5.18 8.62 9.34
C LYS A 1 5.52 7.91 8.00
N PRO A 2 6.02 6.71 8.11
CA PRO A 2 5.80 5.63 7.09
C PRO A 2 4.31 5.24 7.04
N PHE A 3 4.01 4.43 6.08
CA PHE A 3 2.62 3.92 5.86
C PHE A 3 2.63 2.40 5.79
N GLN A 4 1.52 1.74 6.02
CA GLN A 4 1.52 0.24 5.94
C GLN A 4 0.34 -0.33 5.16
N CYS A 5 0.60 -1.49 4.60
CA CYS A 5 -0.41 -2.22 3.79
C CYS A 5 -1.08 -3.22 4.74
N LYS A 6 -2.39 -3.24 4.70
CA LYS A 6 -3.16 -4.17 5.58
C LYS A 6 -3.56 -5.39 4.75
N THR A 7 -2.61 -5.80 3.94
CA THR A 7 -2.80 -6.98 3.06
C THR A 7 -1.55 -7.84 3.15
N CYS A 8 -0.39 -7.23 3.04
CA CYS A 8 0.89 -7.99 3.12
C CYS A 8 1.82 -7.45 4.20
N GLN A 9 1.33 -6.47 4.93
CA GLN A 9 2.11 -5.82 6.03
C GLN A 9 3.46 -5.34 5.51
N ARG A 10 3.35 -4.58 4.45
CA ARG A 10 4.54 -3.98 3.77
C ARG A 10 4.46 -2.52 4.20
N LYS A 11 5.58 -1.84 4.21
CA LYS A 11 5.56 -0.41 4.64
C LYS A 11 6.00 0.50 3.47
N PHE A 12 5.63 1.76 3.56
CA PHE A 12 5.99 2.75 2.51
C PHE A 12 6.46 4.06 3.16
N SER A 13 6.72 5.02 2.31
CA SER A 13 7.20 6.36 2.76
C SER A 13 6.05 7.38 2.71
N ARG A 14 5.27 7.30 1.66
CA ARG A 14 4.11 8.23 1.49
C ARG A 14 2.80 7.45 1.55
N SER A 15 1.73 8.18 1.76
CA SER A 15 0.38 7.55 1.83
C SER A 15 -0.06 7.27 0.40
N ASP A 16 0.35 8.13 -0.50
CA ASP A 16 -0.01 7.95 -1.94
C ASP A 16 0.77 6.73 -2.41
N HIS A 17 1.97 6.57 -1.88
CA HIS A 17 2.79 5.40 -2.29
C HIS A 17 2.01 4.16 -1.84
N LEU A 18 1.76 4.09 -0.55
CA LEU A 18 0.98 2.94 0.02
C LEU A 18 -0.23 2.61 -0.90
N LYS A 19 -1.04 3.61 -1.18
CA LYS A 19 -2.22 3.37 -2.07
C LYS A 19 -1.80 2.73 -3.40
N THR A 20 -0.93 3.38 -4.13
CA THR A 20 -0.47 2.82 -5.45
C THR A 20 -0.23 1.31 -5.34
N HIS A 21 0.45 0.98 -4.27
CA HIS A 21 0.77 -0.44 -3.96
C HIS A 21 -0.48 -1.31 -3.66
N THR A 22 -1.27 -0.93 -2.69
CA THR A 22 -2.49 -1.70 -2.31
C THR A 22 -3.40 -1.99 -3.49
N ARG A 23 -3.36 -1.11 -4.46
CA ARG A 23 -4.21 -1.31 -5.66
C ARG A 23 -3.52 -2.29 -6.66
N THR A 24 -2.96 -3.30 -6.08
CA THR A 24 -2.24 -4.41 -6.78
C THR A 24 -2.80 -5.71 -6.20
N HIS A 25 -3.36 -5.59 -5.02
CA HIS A 25 -3.97 -6.74 -4.28
C HIS A 25 -5.47 -6.61 -4.54
N THR A 26 -5.94 -5.40 -4.34
CA THR A 26 -7.38 -5.08 -4.54
C THR A 26 -7.46 -4.10 -5.72
N GLY A 27 -6.91 -4.55 -6.82
CA GLY A 27 -6.88 -3.77 -8.09
C GLY A 27 -7.63 -4.56 -9.17
N GLU A 28 -7.26 -5.82 -9.25
CA GLU A 28 -7.85 -6.76 -10.22
C GLU A 28 -9.05 -7.50 -9.59
N LYS A 29 -9.17 -7.37 -8.29
CA LYS A 29 -10.29 -8.02 -7.53
C LYS A 29 -11.14 -6.91 -6.91
N LYS A 1 6.36 10.31 8.07
CA LYS A 1 5.49 9.35 8.81
C LYS A 1 5.18 8.13 7.91
N PRO A 2 6.08 7.17 7.86
CA PRO A 2 5.89 5.85 7.17
C PRO A 2 4.46 5.30 7.22
N PHE A 3 4.18 4.50 6.24
CA PHE A 3 2.84 3.85 6.09
C PHE A 3 2.99 2.34 6.10
N GLN A 4 1.94 1.65 6.42
CA GLN A 4 1.96 0.15 6.46
C GLN A 4 0.75 -0.38 5.68
N CYS A 5 0.92 -1.50 5.01
CA CYS A 5 -0.22 -2.08 4.24
C CYS A 5 -0.91 -3.07 5.18
N LYS A 6 -2.21 -3.06 5.15
CA LYS A 6 -3.03 -3.98 6.01
C LYS A 6 -3.59 -5.09 5.10
N THR A 7 -2.78 -5.47 4.16
CA THR A 7 -3.17 -6.53 3.20
C THR A 7 -2.04 -7.55 3.07
N CYS A 8 -0.80 -7.09 3.09
CA CYS A 8 0.35 -8.04 2.98
C CYS A 8 1.30 -7.83 4.16
N GLN A 9 1.44 -6.57 4.47
CA GLN A 9 2.29 -6.01 5.57
C GLN A 9 3.62 -5.52 5.01
N ARG A 10 3.49 -4.58 4.11
CA ARG A 10 4.67 -3.96 3.43
C ARG A 10 4.66 -2.52 3.96
N LYS A 11 5.77 -1.83 3.88
CA LYS A 11 5.82 -0.42 4.39
C LYS A 11 6.09 0.57 3.25
N PHE A 12 5.72 1.81 3.47
CA PHE A 12 5.93 2.89 2.46
C PHE A 12 6.38 4.17 3.15
N SER A 13 6.59 5.18 2.33
CA SER A 13 7.03 6.51 2.83
C SER A 13 5.89 7.52 2.74
N ARG A 14 5.13 7.45 1.67
CA ARG A 14 3.98 8.39 1.49
C ARG A 14 2.68 7.58 1.59
N SER A 15 1.58 8.29 1.62
CA SER A 15 0.26 7.61 1.71
C SER A 15 -0.15 7.26 0.28
N ASP A 16 0.11 8.15 -0.63
CA ASP A 16 -0.25 7.92 -2.07
C ASP A 16 0.57 6.71 -2.51
N HIS A 17 1.73 6.55 -1.90
CA HIS A 17 2.60 5.40 -2.25
C HIS A 17 1.82 4.16 -1.79
N LEU A 18 1.56 4.10 -0.51
CA LEU A 18 0.80 2.95 0.08
C LEU A 18 -0.42 2.57 -0.79
N LYS A 19 -1.18 3.56 -1.19
CA LYS A 19 -2.38 3.28 -2.05
C LYS A 19 -1.93 2.56 -3.32
N THR A 20 -1.21 3.26 -4.17
CA THR A 20 -0.71 2.68 -5.46
C THR A 20 -0.36 1.20 -5.29
N HIS A 21 0.38 0.97 -4.23
CA HIS A 21 0.82 -0.40 -3.89
C HIS A 21 -0.37 -1.36 -3.72
N THR A 22 -1.23 -1.04 -2.77
CA THR A 22 -2.42 -1.87 -2.47
C THR A 22 -3.28 -2.12 -3.72
N ARG A 23 -2.99 -1.38 -4.77
CA ARG A 23 -3.77 -1.58 -6.03
C ARG A 23 -3.03 -2.65 -6.87
N THR A 24 -2.57 -3.62 -6.11
CA THR A 24 -1.81 -4.83 -6.56
C THR A 24 -2.63 -6.00 -5.97
N HIS A 25 -3.32 -5.68 -4.90
CA HIS A 25 -4.18 -6.63 -4.15
C HIS A 25 -5.59 -6.40 -4.69
N THR A 26 -6.00 -5.16 -4.59
CA THR A 26 -7.35 -4.71 -5.05
C THR A 26 -7.22 -3.57 -6.07
N GLY A 27 -6.51 -3.86 -7.13
CA GLY A 27 -6.27 -2.88 -8.23
C GLY A 27 -6.77 -3.50 -9.54
N GLU A 28 -6.72 -4.80 -9.57
CA GLU A 28 -7.14 -5.62 -10.72
C GLU A 28 -8.51 -6.20 -10.33
N LYS A 29 -9.35 -5.31 -9.85
CA LYS A 29 -10.73 -5.66 -9.40
C LYS A 29 -11.73 -4.86 -10.23
N LYS A 1 8.12 9.47 8.11
CA LYS A 1 6.65 9.39 8.27
C LYS A 1 6.15 8.14 7.50
N PRO A 2 6.45 6.95 8.00
CA PRO A 2 6.16 5.67 7.28
C PRO A 2 4.67 5.30 7.28
N PHE A 3 4.36 4.44 6.36
CA PHE A 3 2.96 3.91 6.16
C PHE A 3 3.02 2.38 6.06
N GLN A 4 1.90 1.71 6.25
CA GLN A 4 1.89 0.21 6.15
C GLN A 4 0.62 -0.29 5.43
N CYS A 5 0.76 -1.43 4.82
CA CYS A 5 -0.36 -2.07 4.07
C CYS A 5 -0.93 -3.13 5.01
N LYS A 6 -2.23 -3.09 5.17
CA LYS A 6 -2.91 -4.08 6.08
C LYS A 6 -3.52 -5.21 5.23
N THR A 7 -2.81 -5.50 4.18
CA THR A 7 -3.22 -6.57 3.22
C THR A 7 -2.08 -7.59 3.13
N CYS A 8 -0.86 -7.10 3.12
CA CYS A 8 0.32 -8.03 3.05
C CYS A 8 1.27 -7.82 4.22
N GLN A 9 1.47 -6.56 4.53
CA GLN A 9 2.37 -6.04 5.64
C GLN A 9 3.67 -5.46 5.07
N ARG A 10 3.48 -4.58 4.11
CA ARG A 10 4.63 -3.90 3.44
C ARG A 10 4.54 -2.46 3.89
N LYS A 11 5.67 -1.79 3.99
CA LYS A 11 5.62 -0.36 4.44
C LYS A 11 6.05 0.55 3.29
N PHE A 12 5.75 1.81 3.49
CA PHE A 12 6.08 2.87 2.48
C PHE A 12 6.61 4.10 3.19
N SER A 13 6.96 5.07 2.38
CA SER A 13 7.51 6.37 2.86
C SER A 13 6.42 7.43 2.82
N ARG A 14 5.64 7.39 1.77
CA ARG A 14 4.53 8.38 1.59
C ARG A 14 3.18 7.65 1.66
N SER A 15 2.14 8.42 1.61
CA SER A 15 0.75 7.86 1.68
C SER A 15 0.27 7.56 0.24
N ASP A 16 0.67 8.38 -0.70
CA ASP A 16 0.23 8.14 -2.11
C ASP A 16 0.87 6.81 -2.52
N HIS A 17 2.02 6.55 -1.94
CA HIS A 17 2.76 5.30 -2.23
C HIS A 17 1.87 4.16 -1.75
N LEU A 18 1.58 4.15 -0.47
CA LEU A 18 0.71 3.09 0.12
C LEU A 18 -0.53 2.88 -0.77
N LYS A 19 -1.19 3.95 -1.11
CA LYS A 19 -2.41 3.87 -1.99
C LYS A 19 -2.10 3.11 -3.29
N THR A 20 -1.17 3.62 -4.06
CA THR A 20 -0.78 2.95 -5.35
C THR A 20 -0.57 1.44 -5.14
N HIS A 21 0.08 1.15 -4.05
CA HIS A 21 0.38 -0.25 -3.67
C HIS A 21 -0.87 -1.10 -3.35
N THR A 22 -1.66 -0.69 -2.40
CA THR A 22 -2.89 -1.39 -1.97
C THR A 22 -3.71 -1.86 -3.16
N ARG A 23 -3.78 -1.03 -4.18
CA ARG A 23 -4.58 -1.47 -5.35
C ARG A 23 -3.79 -2.40 -6.31
N THR A 24 -3.01 -3.26 -5.71
CA THR A 24 -2.16 -4.25 -6.45
C THR A 24 -2.61 -5.64 -5.94
N HIS A 25 -3.47 -5.61 -4.95
CA HIS A 25 -4.03 -6.83 -4.33
C HIS A 25 -5.38 -7.10 -5.00
N THR A 26 -5.94 -6.05 -5.54
CA THR A 26 -7.25 -6.12 -6.26
C THR A 26 -7.03 -5.77 -7.74
N GLY A 27 -6.19 -4.78 -7.95
CA GLY A 27 -5.85 -4.32 -9.32
C GLY A 27 -4.37 -4.54 -9.62
N GLU A 28 -3.93 -5.75 -9.36
CA GLU A 28 -2.51 -6.19 -9.56
C GLU A 28 -1.72 -5.40 -10.63
N LYS A 29 -0.70 -4.72 -10.15
CA LYS A 29 0.22 -3.86 -10.99
C LYS A 29 -0.07 -3.81 -12.50
N LYS A 1 7.43 9.82 6.56
CA LYS A 1 7.40 8.89 7.72
C LYS A 1 6.91 7.49 7.26
N PRO A 2 6.85 6.50 8.13
CA PRO A 2 6.53 5.12 7.71
C PRO A 2 5.01 4.85 7.70
N PHE A 3 4.59 4.33 6.58
CA PHE A 3 3.17 3.96 6.33
C PHE A 3 3.15 2.46 6.04
N GLN A 4 2.02 1.81 6.16
CA GLN A 4 2.03 0.35 5.88
C GLN A 4 0.71 -0.12 5.28
N CYS A 5 0.79 -1.27 4.64
CA CYS A 5 -0.39 -1.90 4.00
C CYS A 5 -0.99 -2.86 5.02
N LYS A 6 -2.30 -2.90 5.01
CA LYS A 6 -3.07 -3.78 5.95
C LYS A 6 -3.63 -4.95 5.12
N THR A 7 -2.89 -5.32 4.11
CA THR A 7 -3.29 -6.44 3.22
C THR A 7 -2.14 -7.45 3.12
N CYS A 8 -0.92 -6.97 3.08
CA CYS A 8 0.25 -7.90 3.00
C CYS A 8 1.20 -7.70 4.15
N GLN A 9 1.41 -6.44 4.47
CA GLN A 9 2.29 -5.92 5.57
C GLN A 9 3.61 -5.40 4.98
N ARG A 10 3.46 -4.54 4.00
CA ARG A 10 4.63 -3.93 3.30
C ARG A 10 4.57 -2.46 3.73
N LYS A 11 5.70 -1.82 3.84
CA LYS A 11 5.66 -0.39 4.27
C LYS A 11 6.11 0.54 3.15
N PHE A 12 5.72 1.77 3.33
CA PHE A 12 6.01 2.87 2.37
C PHE A 12 6.57 4.10 3.09
N SER A 13 6.87 5.09 2.30
CA SER A 13 7.44 6.38 2.79
C SER A 13 6.39 7.49 2.82
N ARG A 14 5.46 7.43 1.90
CA ARG A 14 4.37 8.46 1.81
C ARG A 14 3.03 7.75 2.07
N SER A 15 1.96 8.50 2.05
CA SER A 15 0.60 7.90 2.29
C SER A 15 -0.22 7.87 0.98
N ASP A 16 0.52 7.94 -0.09
CA ASP A 16 -0.04 7.93 -1.48
C ASP A 16 0.57 6.69 -2.15
N HIS A 17 1.81 6.42 -1.79
CA HIS A 17 2.54 5.24 -2.35
C HIS A 17 1.67 4.05 -1.92
N LEU A 18 1.44 4.01 -0.63
CA LEU A 18 0.60 2.96 0.02
C LEU A 18 -0.58 2.55 -0.88
N LYS A 19 -1.38 3.53 -1.27
CA LYS A 19 -2.57 3.24 -2.14
C LYS A 19 -2.11 2.61 -3.47
N THR A 20 -1.28 3.36 -4.17
CA THR A 20 -0.71 2.90 -5.48
C THR A 20 -0.28 1.43 -5.44
N HIS A 21 0.13 1.05 -4.25
CA HIS A 21 0.58 -0.33 -3.98
C HIS A 21 -0.59 -1.31 -3.71
N THR A 22 -1.40 -0.98 -2.72
CA THR A 22 -2.58 -1.81 -2.31
C THR A 22 -3.35 -2.30 -3.52
N ARG A 23 -3.36 -1.51 -4.56
CA ARG A 23 -4.08 -1.93 -5.78
C ARG A 23 -3.29 -2.96 -6.63
N THR A 24 -2.72 -3.88 -5.90
CA THR A 24 -1.89 -5.02 -6.40
C THR A 24 -2.66 -6.26 -5.88
N HIS A 25 -3.39 -6.02 -4.81
CA HIS A 25 -4.23 -7.02 -4.10
C HIS A 25 -5.60 -6.92 -4.80
N THR A 26 -5.98 -5.68 -5.01
CA THR A 26 -7.27 -5.33 -5.67
C THR A 26 -6.85 -4.56 -6.93
N GLY A 27 -6.02 -5.23 -7.68
CA GLY A 27 -5.44 -4.74 -8.99
C GLY A 27 -6.00 -3.42 -9.52
N GLU A 28 -7.27 -3.46 -9.82
CA GLU A 28 -8.01 -2.27 -10.36
C GLU A 28 -8.76 -1.65 -9.18
N LYS A 29 -8.01 -0.84 -8.46
CA LYS A 29 -8.44 -0.07 -7.24
C LYS A 29 -8.00 -0.85 -6.00
N LYS A 1 7.97 8.55 10.34
CA LYS A 1 6.71 8.72 9.55
C LYS A 1 6.64 7.62 8.45
N PRO A 2 6.48 6.38 8.86
CA PRO A 2 6.20 5.25 7.93
C PRO A 2 4.70 4.97 7.78
N PHE A 3 4.41 4.29 6.71
CA PHE A 3 3.01 3.90 6.35
C PHE A 3 3.03 2.37 6.28
N GLN A 4 1.89 1.75 6.43
CA GLN A 4 1.83 0.26 6.39
C GLN A 4 0.64 -0.25 5.56
N CYS A 5 0.83 -1.39 4.92
CA CYS A 5 -0.25 -2.00 4.08
C CYS A 5 -0.82 -3.04 5.03
N LYS A 6 -2.13 -3.09 5.13
CA LYS A 6 -2.76 -4.08 6.03
C LYS A 6 -3.38 -5.21 5.20
N THR A 7 -2.67 -5.50 4.13
CA THR A 7 -3.08 -6.56 3.19
C THR A 7 -1.92 -7.54 3.09
N CYS A 8 -0.71 -7.02 3.04
CA CYS A 8 0.49 -7.90 2.94
C CYS A 8 1.55 -7.54 3.99
N GLN A 9 1.32 -6.41 4.63
CA GLN A 9 2.23 -5.88 5.68
C GLN A 9 3.58 -5.46 5.09
N ARG A 10 3.45 -4.51 4.19
CA ARG A 10 4.61 -3.91 3.47
C ARG A 10 4.58 -2.45 3.95
N LYS A 11 5.72 -1.84 4.12
CA LYS A 11 5.73 -0.42 4.59
C LYS A 11 6.11 0.56 3.49
N PHE A 12 5.80 1.81 3.72
CA PHE A 12 6.09 2.89 2.73
C PHE A 12 6.55 4.15 3.46
N SER A 13 6.83 5.15 2.66
CA SER A 13 7.30 6.47 3.18
C SER A 13 6.13 7.47 3.13
N ARG A 14 5.33 7.35 2.10
CA ARG A 14 4.15 8.24 1.91
C ARG A 14 2.84 7.45 1.85
N SER A 15 1.77 8.16 1.63
CA SER A 15 0.41 7.55 1.55
C SER A 15 0.03 7.33 0.08
N ASP A 16 0.41 8.26 -0.78
CA ASP A 16 0.08 8.12 -2.23
C ASP A 16 0.76 6.83 -2.66
N HIS A 17 1.86 6.55 -1.99
CA HIS A 17 2.66 5.33 -2.27
C HIS A 17 1.74 4.15 -1.87
N LEU A 18 1.49 4.03 -0.59
CA LEU A 18 0.62 2.93 -0.05
C LEU A 18 -0.59 2.64 -0.97
N LYS A 19 -1.27 3.69 -1.36
CA LYS A 19 -2.46 3.59 -2.26
C LYS A 19 -2.09 2.81 -3.53
N THR A 20 -1.25 3.43 -4.32
CA THR A 20 -0.76 2.84 -5.61
C THR A 20 -0.32 1.38 -5.41
N HIS A 21 0.25 1.14 -4.26
CA HIS A 21 0.72 -0.24 -3.90
C HIS A 21 -0.45 -1.22 -3.73
N THR A 22 -1.34 -0.95 -2.79
CA THR A 22 -2.51 -1.83 -2.51
C THR A 22 -3.30 -2.18 -3.78
N ARG A 23 -3.18 -1.32 -4.76
CA ARG A 23 -3.89 -1.54 -6.06
C ARG A 23 -3.44 -2.89 -6.71
N THR A 24 -2.44 -3.52 -6.13
CA THR A 24 -1.90 -4.83 -6.64
C THR A 24 -2.62 -6.01 -5.94
N HIS A 25 -3.48 -5.66 -5.02
CA HIS A 25 -4.28 -6.62 -4.22
C HIS A 25 -5.76 -6.47 -4.65
N THR A 26 -6.18 -5.24 -4.72
CA THR A 26 -7.58 -4.89 -5.12
C THR A 26 -7.76 -4.25 -6.50
N GLY A 27 -6.74 -3.60 -6.98
CA GLY A 27 -6.84 -2.93 -8.33
C GLY A 27 -6.15 -3.69 -9.47
N GLU A 28 -6.62 -4.90 -9.68
CA GLU A 28 -6.08 -5.77 -10.76
C GLU A 28 -7.28 -6.02 -11.69
N LYS A 29 -7.89 -4.92 -12.05
CA LYS A 29 -9.09 -4.94 -12.94
C LYS A 29 -8.91 -3.91 -14.07
N LYS A 1 8.00 8.75 9.24
CA LYS A 1 6.53 8.63 9.50
C LYS A 1 5.92 7.70 8.40
N PRO A 2 6.36 6.47 8.36
CA PRO A 2 5.96 5.48 7.30
C PRO A 2 4.48 5.14 7.32
N PHE A 3 4.13 4.37 6.32
CA PHE A 3 2.73 3.89 6.10
C PHE A 3 2.79 2.36 6.09
N GLN A 4 1.65 1.72 6.24
CA GLN A 4 1.61 0.22 6.25
C GLN A 4 0.44 -0.30 5.41
N CYS A 5 0.64 -1.44 4.79
CA CYS A 5 -0.42 -2.06 3.96
C CYS A 5 -0.89 -3.19 4.88
N LYS A 6 -2.18 -3.30 5.07
CA LYS A 6 -2.71 -4.37 5.95
C LYS A 6 -3.35 -5.46 5.08
N THR A 7 -2.64 -5.75 4.03
CA THR A 7 -3.06 -6.78 3.05
C THR A 7 -1.87 -7.75 2.92
N CYS A 8 -0.67 -7.19 2.91
CA CYS A 8 0.55 -8.06 2.80
C CYS A 8 1.43 -7.82 3.99
N GLN A 9 1.37 -6.60 4.46
CA GLN A 9 2.14 -6.11 5.64
C GLN A 9 3.50 -5.58 5.17
N ARG A 10 3.39 -4.65 4.25
CA ARG A 10 4.59 -3.98 3.66
C ARG A 10 4.47 -2.51 4.08
N LYS A 11 5.57 -1.81 4.15
CA LYS A 11 5.49 -0.39 4.57
C LYS A 11 5.90 0.53 3.42
N PHE A 12 5.62 1.80 3.61
CA PHE A 12 5.95 2.83 2.58
C PHE A 12 6.46 4.09 3.29
N SER A 13 6.78 5.07 2.48
CA SER A 13 7.30 6.38 3.00
C SER A 13 6.22 7.45 2.95
N ARG A 14 5.53 7.48 1.83
CA ARG A 14 4.41 8.46 1.62
C ARG A 14 3.07 7.73 1.63
N SER A 15 2.02 8.47 1.37
CA SER A 15 0.65 7.88 1.34
C SER A 15 0.29 7.53 -0.10
N ASP A 16 0.83 8.27 -1.04
CA ASP A 16 0.54 8.01 -2.48
C ASP A 16 1.36 6.78 -2.90
N HIS A 17 2.17 6.32 -1.98
CA HIS A 17 3.05 5.13 -2.17
C HIS A 17 2.32 3.91 -1.57
N LEU A 18 1.26 4.19 -0.86
CA LEU A 18 0.43 3.13 -0.21
C LEU A 18 -0.91 2.95 -0.96
N LYS A 19 -1.65 4.02 -1.15
CA LYS A 19 -2.95 3.89 -1.87
C LYS A 19 -2.84 3.50 -3.35
N THR A 20 -1.62 3.35 -3.80
CA THR A 20 -1.33 2.96 -5.21
C THR A 20 -0.89 1.50 -5.11
N HIS A 21 -0.12 1.25 -4.08
CA HIS A 21 0.41 -0.12 -3.81
C HIS A 21 -0.74 -1.12 -3.64
N THR A 22 -1.59 -0.80 -2.69
CA THR A 22 -2.79 -1.58 -2.33
C THR A 22 -3.45 -2.20 -3.53
N ARG A 23 -3.50 -1.40 -4.57
CA ARG A 23 -4.13 -1.86 -5.83
C ARG A 23 -3.24 -2.83 -6.64
N THR A 24 -2.56 -3.65 -5.90
CA THR A 24 -1.63 -4.69 -6.45
C THR A 24 -2.29 -6.01 -6.01
N HIS A 25 -3.05 -5.89 -4.96
CA HIS A 25 -3.82 -6.99 -4.33
C HIS A 25 -5.19 -6.80 -5.01
N THR A 26 -5.47 -5.52 -5.22
CA THR A 26 -6.68 -4.88 -5.85
C THR A 26 -7.37 -4.08 -4.77
N GLY A 27 -6.49 -3.36 -4.09
CA GLY A 27 -6.81 -2.44 -2.95
C GLY A 27 -8.18 -2.67 -2.32
N GLU A 28 -8.44 -3.93 -2.13
CA GLU A 28 -9.70 -4.42 -1.54
C GLU A 28 -9.76 -4.16 -0.04
N LYS A 29 -10.98 -4.16 0.45
CA LYS A 29 -11.24 -3.92 1.90
C LYS A 29 -12.19 -5.01 2.43
N LYS A 1 6.27 10.01 8.96
CA LYS A 1 6.37 8.59 9.40
C LYS A 1 6.42 7.64 8.19
N PRO A 2 6.91 6.44 8.41
CA PRO A 2 6.60 5.26 7.55
C PRO A 2 5.10 4.95 7.48
N PHE A 3 4.80 4.11 6.52
CA PHE A 3 3.39 3.67 6.25
C PHE A 3 3.37 2.14 6.29
N GLN A 4 2.19 1.58 6.42
CA GLN A 4 2.04 0.09 6.48
C GLN A 4 0.81 -0.34 5.65
N CYS A 5 0.94 -1.39 4.89
CA CYS A 5 -0.22 -1.88 4.07
C CYS A 5 -1.06 -2.76 5.00
N LYS A 6 -2.34 -2.67 4.80
CA LYS A 6 -3.31 -3.46 5.63
C LYS A 6 -3.86 -4.62 4.80
N THR A 7 -3.01 -5.10 3.92
CA THR A 7 -3.38 -6.23 3.02
C THR A 7 -2.26 -7.28 2.96
N CYS A 8 -1.03 -6.85 2.93
CA CYS A 8 0.11 -7.84 2.86
C CYS A 8 1.00 -7.67 4.08
N GLN A 9 1.29 -6.42 4.34
CA GLN A 9 2.13 -5.90 5.45
C GLN A 9 3.51 -5.49 4.94
N ARG A 10 3.44 -4.53 4.05
CA ARG A 10 4.65 -3.95 3.40
C ARG A 10 4.66 -2.50 3.89
N LYS A 11 5.78 -1.84 3.86
CA LYS A 11 5.81 -0.42 4.34
C LYS A 11 6.10 0.52 3.17
N PHE A 12 5.82 1.77 3.40
CA PHE A 12 6.05 2.81 2.35
C PHE A 12 6.62 4.09 2.96
N SER A 13 6.82 5.03 2.08
CA SER A 13 7.37 6.36 2.47
C SER A 13 6.27 7.43 2.48
N ARG A 14 5.37 7.32 1.54
CA ARG A 14 4.24 8.30 1.44
C ARG A 14 2.90 7.58 1.64
N SER A 15 1.85 8.34 1.41
CA SER A 15 0.45 7.86 1.54
C SER A 15 0.00 7.48 0.12
N ASP A 16 0.50 8.21 -0.83
CA ASP A 16 0.17 7.98 -2.28
C ASP A 16 1.14 6.92 -2.84
N HIS A 17 1.85 6.32 -1.92
CA HIS A 17 2.86 5.25 -2.21
C HIS A 17 2.32 3.98 -1.51
N LEU A 18 1.41 4.20 -0.60
CA LEU A 18 0.77 3.11 0.20
C LEU A 18 -0.53 2.71 -0.51
N LYS A 19 -1.41 3.66 -0.70
CA LYS A 19 -2.71 3.38 -1.38
C LYS A 19 -2.45 2.70 -2.73
N THR A 20 -1.79 3.45 -3.58
CA THR A 20 -1.42 2.98 -4.95
C THR A 20 -0.97 1.51 -4.93
N HIS A 21 -0.18 1.22 -3.94
CA HIS A 21 0.35 -0.16 -3.76
C HIS A 21 -0.74 -1.16 -3.34
N THR A 22 -1.38 -0.88 -2.24
CA THR A 22 -2.46 -1.77 -1.69
C THR A 22 -3.41 -2.18 -2.80
N ARG A 23 -3.69 -1.20 -3.62
CA ARG A 23 -4.62 -1.42 -4.76
C ARG A 23 -3.89 -2.01 -5.99
N THR A 24 -3.20 -3.07 -5.67
CA THR A 24 -2.39 -3.89 -6.63
C THR A 24 -2.70 -5.36 -6.27
N HIS A 25 -3.19 -5.53 -5.06
CA HIS A 25 -3.55 -6.86 -4.50
C HIS A 25 -4.80 -7.33 -5.23
N THR A 26 -5.65 -6.37 -5.45
CA THR A 26 -6.94 -6.62 -6.14
C THR A 26 -6.77 -6.03 -7.53
N GLY A 27 -6.31 -4.81 -7.53
CA GLY A 27 -6.08 -4.07 -8.80
C GLY A 27 -7.22 -3.08 -9.02
N GLU A 28 -8.40 -3.66 -9.09
CA GLU A 28 -9.66 -2.88 -9.29
C GLU A 28 -10.54 -3.00 -8.04
N LYS A 29 -10.96 -1.86 -7.57
CA LYS A 29 -11.83 -1.80 -6.35
C LYS A 29 -13.06 -0.93 -6.64
N LYS A 1 7.66 9.27 6.95
CA LYS A 1 6.30 9.45 7.54
C LYS A 1 5.55 8.09 7.41
N PRO A 2 6.08 7.06 8.01
CA PRO A 2 5.79 5.64 7.62
C PRO A 2 4.30 5.25 7.53
N PHE A 3 4.04 4.48 6.50
CA PHE A 3 2.67 3.95 6.18
C PHE A 3 2.80 2.44 5.98
N GLN A 4 1.71 1.72 6.12
CA GLN A 4 1.77 0.23 5.93
C GLN A 4 0.51 -0.28 5.22
N CYS A 5 0.69 -1.41 4.60
CA CYS A 5 -0.39 -2.09 3.86
C CYS A 5 -0.76 -3.24 4.81
N LYS A 6 -1.90 -3.14 5.44
CA LYS A 6 -2.33 -4.22 6.38
C LYS A 6 -3.06 -5.33 5.62
N THR A 7 -2.60 -5.51 4.42
CA THR A 7 -3.16 -6.52 3.50
C THR A 7 -2.07 -7.58 3.30
N CYS A 8 -0.84 -7.12 3.14
CA CYS A 8 0.29 -8.08 2.94
C CYS A 8 1.33 -7.88 4.04
N GLN A 9 1.39 -6.66 4.52
CA GLN A 9 2.32 -6.16 5.60
C GLN A 9 3.63 -5.66 5.00
N ARG A 10 3.45 -4.66 4.17
CA ARG A 10 4.60 -3.99 3.48
C ARG A 10 4.51 -2.53 3.91
N LYS A 11 5.62 -1.84 3.94
CA LYS A 11 5.59 -0.39 4.35
C LYS A 11 6.02 0.57 3.24
N PHE A 12 5.62 1.80 3.47
CA PHE A 12 5.91 2.92 2.52
C PHE A 12 6.30 4.16 3.31
N SER A 13 6.66 5.19 2.59
CA SER A 13 7.07 6.48 3.23
C SER A 13 5.93 7.52 3.14
N ARG A 14 5.17 7.43 2.09
CA ARG A 14 4.02 8.36 1.89
C ARG A 14 2.69 7.60 1.90
N SER A 15 1.62 8.35 1.80
CA SER A 15 0.25 7.74 1.79
C SER A 15 -0.11 7.45 0.33
N ASP A 16 0.30 8.34 -0.54
CA ASP A 16 0.01 8.14 -1.99
C ASP A 16 0.79 6.90 -2.37
N HIS A 17 2.00 6.80 -1.85
CA HIS A 17 2.86 5.62 -2.14
C HIS A 17 2.06 4.36 -1.76
N LEU A 18 1.66 4.28 -0.51
CA LEU A 18 0.85 3.11 -0.02
C LEU A 18 -0.27 2.80 -1.03
N LYS A 19 -1.04 3.80 -1.38
CA LYS A 19 -2.16 3.61 -2.37
C LYS A 19 -1.60 2.96 -3.66
N THR A 20 -0.60 3.56 -4.26
CA THR A 20 0.02 2.98 -5.51
C THR A 20 0.19 1.47 -5.35
N HIS A 21 0.71 1.12 -4.21
CA HIS A 21 0.96 -0.31 -3.88
C HIS A 21 -0.34 -1.16 -3.75
N THR A 22 -1.24 -0.78 -2.89
CA THR A 22 -2.52 -1.53 -2.66
C THR A 22 -3.19 -1.99 -3.95
N ARG A 23 -3.04 -1.16 -4.95
CA ARG A 23 -3.63 -1.47 -6.29
C ARG A 23 -3.46 -2.95 -6.77
N THR A 24 -2.46 -3.64 -6.26
CA THR A 24 -2.23 -5.08 -6.68
C THR A 24 -2.86 -6.11 -5.74
N HIS A 25 -3.82 -5.63 -4.99
CA HIS A 25 -4.59 -6.44 -4.01
C HIS A 25 -6.05 -6.25 -4.43
N THR A 26 -6.35 -5.00 -4.72
CA THR A 26 -7.71 -4.57 -5.17
C THR A 26 -7.85 -5.13 -6.57
N GLY A 27 -6.81 -4.86 -7.32
CA GLY A 27 -6.71 -5.32 -8.73
C GLY A 27 -5.64 -6.41 -8.62
N GLU A 28 -5.90 -7.22 -7.62
CA GLU A 28 -5.09 -8.39 -7.21
C GLU A 28 -4.02 -8.89 -8.20
N LYS A 29 -4.40 -9.87 -8.99
CA LYS A 29 -3.48 -10.48 -10.00
C LYS A 29 -4.22 -10.68 -11.33
N LYS A 1 7.99 8.87 9.67
CA LYS A 1 6.57 8.59 9.31
C LYS A 1 6.44 7.62 8.12
N PRO A 2 6.77 6.36 8.34
CA PRO A 2 6.45 5.26 7.38
C PRO A 2 4.95 4.94 7.42
N PHE A 3 4.56 4.18 6.43
CA PHE A 3 3.13 3.74 6.27
C PHE A 3 3.13 2.21 6.21
N GLN A 4 1.99 1.62 6.45
CA GLN A 4 1.88 0.12 6.42
C GLN A 4 0.70 -0.34 5.56
N CYS A 5 0.86 -1.48 4.97
CA CYS A 5 -0.21 -2.06 4.10
C CYS A 5 -0.90 -3.08 5.01
N LYS A 6 -2.21 -2.94 5.13
CA LYS A 6 -2.97 -3.88 6.00
C LYS A 6 -3.56 -4.98 5.12
N THR A 7 -2.74 -5.38 4.20
CA THR A 7 -3.11 -6.45 3.24
C THR A 7 -1.94 -7.45 3.21
N CYS A 8 -0.74 -6.94 3.09
CA CYS A 8 0.48 -7.82 3.05
C CYS A 8 1.56 -7.38 4.06
N GLN A 9 1.23 -6.43 4.88
CA GLN A 9 2.18 -5.89 5.92
C GLN A 9 3.53 -5.49 5.31
N ARG A 10 3.41 -4.61 4.35
CA ARG A 10 4.58 -4.06 3.60
C ARG A 10 4.53 -2.56 3.93
N LYS A 11 5.67 -1.95 4.13
CA LYS A 11 5.66 -0.49 4.46
C LYS A 11 6.09 0.42 3.32
N PHE A 12 5.79 1.69 3.52
CA PHE A 12 6.12 2.75 2.52
C PHE A 12 6.59 4.03 3.23
N SER A 13 6.73 5.07 2.46
CA SER A 13 7.19 6.40 2.97
C SER A 13 6.01 7.38 3.03
N ARG A 14 5.17 7.34 2.02
CA ARG A 14 3.98 8.24 1.96
C ARG A 14 2.69 7.41 1.95
N SER A 15 1.60 8.12 1.90
CA SER A 15 0.25 7.48 1.89
C SER A 15 -0.16 7.34 0.41
N ASP A 16 0.27 8.28 -0.39
CA ASP A 16 -0.05 8.26 -1.85
C ASP A 16 0.85 7.20 -2.51
N HIS A 17 1.72 6.63 -1.70
CA HIS A 17 2.66 5.58 -2.17
C HIS A 17 1.92 4.30 -1.78
N LEU A 18 1.58 4.19 -0.52
CA LEU A 18 0.84 2.99 -0.01
C LEU A 18 -0.33 2.70 -0.99
N LYS A 19 -1.11 3.71 -1.28
CA LYS A 19 -2.26 3.58 -2.23
C LYS A 19 -1.79 2.92 -3.54
N THR A 20 -0.94 3.62 -4.24
CA THR A 20 -0.40 3.09 -5.54
C THR A 20 -0.09 1.59 -5.43
N HIS A 21 0.51 1.24 -4.33
CA HIS A 21 0.87 -0.17 -4.04
C HIS A 21 -0.38 -1.09 -3.89
N THR A 22 -1.24 -0.77 -2.95
CA THR A 22 -2.47 -1.56 -2.68
C THR A 22 -3.23 -1.94 -3.94
N ARG A 23 -3.20 -1.04 -4.89
CA ARG A 23 -3.90 -1.30 -6.18
C ARG A 23 -3.72 -2.74 -6.75
N THR A 24 -2.65 -3.40 -6.38
CA THR A 24 -2.37 -4.80 -6.89
C THR A 24 -2.89 -5.95 -6.01
N HIS A 25 -3.67 -5.60 -5.03
CA HIS A 25 -4.29 -6.57 -4.08
C HIS A 25 -5.75 -6.63 -4.48
N THR A 26 -6.24 -5.46 -4.81
CA THR A 26 -7.67 -5.31 -5.25
C THR A 26 -7.77 -5.65 -6.73
N GLY A 27 -6.97 -4.98 -7.51
CA GLY A 27 -6.96 -5.20 -8.98
C GLY A 27 -7.76 -4.12 -9.70
N GLU A 28 -8.93 -3.87 -9.17
CA GLU A 28 -9.87 -2.86 -9.73
C GLU A 28 -9.92 -1.60 -8.88
N LYS A 29 -9.95 -1.81 -7.58
CA LYS A 29 -10.00 -0.67 -6.61
C LYS A 29 -8.70 -0.59 -5.83
N LYS A 1 6.37 9.68 9.25
CA LYS A 1 5.02 9.13 8.96
C LYS A 1 5.11 7.89 8.04
N PRO A 2 5.63 6.79 8.56
CA PRO A 2 5.59 5.48 7.86
C PRO A 2 4.12 5.06 7.63
N PHE A 3 3.91 4.42 6.52
CA PHE A 3 2.56 3.93 6.12
C PHE A 3 2.67 2.41 5.96
N GLN A 4 1.60 1.68 6.11
CA GLN A 4 1.70 0.20 5.95
C GLN A 4 0.48 -0.37 5.23
N CYS A 5 0.69 -1.50 4.61
CA CYS A 5 -0.37 -2.19 3.86
C CYS A 5 -1.05 -3.18 4.80
N LYS A 6 -2.35 -3.26 4.67
CA LYS A 6 -3.16 -4.19 5.54
C LYS A 6 -3.49 -5.46 4.77
N THR A 7 -2.61 -5.78 3.86
CA THR A 7 -2.79 -7.00 3.02
C THR A 7 -1.53 -7.85 3.03
N CYS A 8 -0.38 -7.22 2.92
CA CYS A 8 0.89 -8.00 2.92
C CYS A 8 1.83 -7.47 4.00
N GLN A 9 1.36 -6.46 4.70
CA GLN A 9 2.13 -5.82 5.80
C GLN A 9 3.52 -5.38 5.31
N ARG A 10 3.43 -4.51 4.33
CA ARG A 10 4.62 -3.91 3.67
C ARG A 10 4.56 -2.45 4.08
N LYS A 11 5.68 -1.79 4.20
CA LYS A 11 5.63 -0.35 4.62
C LYS A 11 6.04 0.59 3.48
N PHE A 12 5.65 1.84 3.64
CA PHE A 12 5.94 2.90 2.62
C PHE A 12 6.35 4.18 3.35
N SER A 13 6.73 5.15 2.55
CA SER A 13 7.18 6.48 3.07
C SER A 13 6.02 7.50 3.01
N ARG A 14 5.29 7.44 1.93
CA ARG A 14 4.13 8.37 1.71
C ARG A 14 2.82 7.58 1.72
N SER A 15 1.73 8.31 1.80
CA SER A 15 0.39 7.66 1.81
C SER A 15 0.03 7.37 0.34
N ASP A 16 0.43 8.27 -0.53
CA ASP A 16 0.15 8.12 -1.97
C ASP A 16 0.91 6.89 -2.44
N HIS A 17 2.03 6.65 -1.79
CA HIS A 17 2.87 5.47 -2.15
C HIS A 17 2.03 4.24 -1.76
N LEU A 18 1.70 4.15 -0.49
CA LEU A 18 0.88 3.00 0.03
C LEU A 18 -0.31 2.70 -0.93
N LYS A 19 -1.06 3.73 -1.22
CA LYS A 19 -2.24 3.62 -2.14
C LYS A 19 -1.85 2.88 -3.43
N THR A 20 -0.99 3.53 -4.18
CA THR A 20 -0.50 2.96 -5.48
C THR A 20 -0.17 1.48 -5.34
N HIS A 21 0.51 1.18 -4.27
CA HIS A 21 0.92 -0.23 -3.98
C HIS A 21 -0.25 -1.23 -3.88
N THR A 22 -1.12 -0.96 -2.94
CA THR A 22 -2.32 -1.82 -2.67
C THR A 22 -3.07 -2.24 -3.93
N ARG A 23 -2.90 -1.48 -5.00
CA ARG A 23 -3.60 -1.79 -6.28
C ARG A 23 -3.43 -3.27 -6.73
N THR A 24 -2.37 -3.90 -6.28
CA THR A 24 -2.11 -5.33 -6.65
C THR A 24 -2.90 -6.32 -5.77
N HIS A 25 -3.76 -5.76 -4.98
CA HIS A 25 -4.64 -6.53 -4.05
C HIS A 25 -6.11 -6.18 -4.31
N THR A 26 -6.33 -4.89 -4.32
CA THR A 26 -7.69 -4.32 -4.53
C THR A 26 -7.93 -3.79 -5.95
N GLY A 27 -6.89 -3.34 -6.58
CA GLY A 27 -7.02 -2.81 -7.97
C GLY A 27 -6.61 -3.82 -9.03
N GLU A 28 -6.89 -5.06 -8.73
CA GLU A 28 -6.56 -6.20 -9.65
C GLU A 28 -7.83 -7.05 -9.73
N LYS A 29 -8.21 -7.51 -8.56
CA LYS A 29 -9.42 -8.35 -8.38
C LYS A 29 -10.46 -7.61 -7.52
N LYS A 1 7.77 8.99 9.10
CA LYS A 1 6.29 8.81 8.98
C LYS A 1 6.01 7.75 7.90
N PRO A 2 6.26 6.51 8.23
CA PRO A 2 5.94 5.36 7.34
C PRO A 2 4.43 5.07 7.30
N PHE A 3 4.10 4.34 6.27
CA PHE A 3 2.69 3.91 5.99
C PHE A 3 2.74 2.39 5.85
N GLN A 4 1.64 1.70 6.08
CA GLN A 4 1.67 0.21 5.94
C GLN A 4 0.44 -0.32 5.20
N CYS A 5 0.66 -1.44 4.56
CA CYS A 5 -0.38 -2.14 3.79
C CYS A 5 -0.85 -3.29 4.68
N LYS A 6 -2.06 -3.15 5.17
CA LYS A 6 -2.64 -4.19 6.07
C LYS A 6 -3.33 -5.24 5.19
N THR A 7 -2.67 -5.52 4.10
CA THR A 7 -3.17 -6.51 3.11
C THR A 7 -2.08 -7.57 2.97
N CYS A 8 -0.83 -7.13 2.94
CA CYS A 8 0.30 -8.09 2.81
C CYS A 8 1.26 -7.88 3.97
N GLN A 9 1.32 -6.64 4.38
CA GLN A 9 2.17 -6.14 5.50
C GLN A 9 3.51 -5.63 4.96
N ARG A 10 3.38 -4.68 4.07
CA ARG A 10 4.57 -4.03 3.42
C ARG A 10 4.48 -2.56 3.85
N LYS A 11 5.59 -1.85 3.85
CA LYS A 11 5.56 -0.41 4.27
C LYS A 11 6.01 0.55 3.16
N PHE A 12 5.63 1.79 3.36
CA PHE A 12 5.96 2.89 2.40
C PHE A 12 6.38 4.16 3.16
N SER A 13 6.60 5.22 2.42
CA SER A 13 7.03 6.52 3.03
C SER A 13 5.86 7.53 3.05
N ARG A 14 5.06 7.51 2.01
CA ARG A 14 3.89 8.44 1.91
C ARG A 14 2.58 7.64 1.83
N SER A 15 1.49 8.36 1.65
CA SER A 15 0.15 7.72 1.55
C SER A 15 -0.15 7.46 0.07
N ASP A 16 0.32 8.34 -0.79
CA ASP A 16 0.07 8.17 -2.25
C ASP A 16 1.03 7.06 -2.76
N HIS A 17 1.75 6.49 -1.82
CA HIS A 17 2.73 5.41 -2.11
C HIS A 17 2.02 4.13 -1.65
N LEU A 18 1.39 4.22 -0.50
CA LEU A 18 0.65 3.06 0.08
C LEU A 18 -0.52 2.71 -0.84
N LYS A 19 -1.31 3.69 -1.20
CA LYS A 19 -2.49 3.45 -2.10
C LYS A 19 -1.97 2.77 -3.37
N THR A 20 -1.15 3.48 -4.11
CA THR A 20 -0.54 2.96 -5.38
C THR A 20 -0.10 1.50 -5.24
N HIS A 21 0.43 1.18 -4.09
CA HIS A 21 0.90 -0.21 -3.83
C HIS A 21 -0.23 -1.23 -3.61
N THR A 22 -1.11 -0.96 -2.67
CA THR A 22 -2.25 -1.89 -2.37
C THR A 22 -3.00 -2.31 -3.64
N ARG A 23 -2.88 -1.48 -4.64
CA ARG A 23 -3.51 -1.71 -5.98
C ARG A 23 -3.22 -3.15 -6.49
N THR A 24 -2.12 -3.72 -6.05
CA THR A 24 -1.73 -5.11 -6.48
C THR A 24 -2.48 -6.21 -5.72
N HIS A 25 -3.42 -5.76 -4.91
CA HIS A 25 -4.26 -6.68 -4.09
C HIS A 25 -5.72 -6.41 -4.44
N THR A 26 -6.08 -5.16 -4.27
CA THR A 26 -7.46 -4.68 -4.56
C THR A 26 -7.44 -3.47 -5.51
N GLY A 27 -6.85 -3.66 -6.66
CA GLY A 27 -6.76 -2.57 -7.69
C GLY A 27 -7.42 -3.05 -8.97
N GLU A 28 -8.66 -3.40 -8.83
CA GLU A 28 -9.49 -3.90 -9.97
C GLU A 28 -10.65 -2.89 -10.12
N LYS A 29 -10.27 -1.67 -10.38
CA LYS A 29 -11.26 -0.55 -10.55
C LYS A 29 -11.26 -0.10 -12.02
N LYS A 1 7.18 9.43 9.56
CA LYS A 1 5.90 8.82 9.10
C LYS A 1 6.17 7.68 8.08
N PRO A 2 6.47 6.51 8.59
CA PRO A 2 6.38 5.25 7.80
C PRO A 2 4.91 4.86 7.70
N PHE A 3 4.59 4.27 6.59
CA PHE A 3 3.20 3.81 6.30
C PHE A 3 3.27 2.31 6.08
N GLN A 4 2.17 1.63 6.27
CA GLN A 4 2.16 0.15 6.07
C GLN A 4 0.87 -0.27 5.38
N CYS A 5 0.94 -1.40 4.71
CA CYS A 5 -0.26 -1.94 4.01
C CYS A 5 -0.99 -2.86 4.97
N LYS A 6 -2.30 -2.81 4.90
CA LYS A 6 -3.14 -3.66 5.80
C LYS A 6 -3.72 -4.81 4.99
N THR A 7 -2.87 -5.31 4.12
CA THR A 7 -3.24 -6.44 3.23
C THR A 7 -2.09 -7.46 3.17
N CYS A 8 -0.88 -6.96 3.05
CA CYS A 8 0.31 -7.86 2.98
C CYS A 8 1.25 -7.60 4.15
N GLN A 9 1.38 -6.33 4.43
CA GLN A 9 2.22 -5.73 5.52
C GLN A 9 3.60 -5.35 4.99
N ARG A 10 3.52 -4.52 3.97
CA ARG A 10 4.73 -3.99 3.29
C ARG A 10 4.73 -2.54 3.78
N LYS A 11 5.86 -1.88 3.74
CA LYS A 11 5.88 -0.47 4.21
C LYS A 11 6.10 0.53 3.08
N PHE A 12 5.87 1.78 3.43
CA PHE A 12 6.00 2.92 2.48
C PHE A 12 6.52 4.12 3.26
N SER A 13 6.76 5.19 2.56
CA SER A 13 7.26 6.44 3.19
C SER A 13 6.11 7.44 3.27
N ARG A 14 5.27 7.36 2.27
CA ARG A 14 4.07 8.24 2.16
C ARG A 14 2.76 7.44 2.15
N SER A 15 1.70 8.16 1.93
CA SER A 15 0.32 7.58 1.87
C SER A 15 -0.02 7.31 0.41
N ASP A 16 0.47 8.15 -0.46
CA ASP A 16 0.18 7.97 -1.91
C ASP A 16 0.97 6.72 -2.33
N HIS A 17 2.13 6.58 -1.73
CA HIS A 17 3.01 5.40 -2.03
C HIS A 17 2.33 4.09 -1.59
N LEU A 18 1.29 4.23 -0.80
CA LEU A 18 0.54 3.05 -0.29
C LEU A 18 -0.73 2.85 -1.13
N LYS A 19 -1.51 3.88 -1.30
CA LYS A 19 -2.76 3.75 -2.11
C LYS A 19 -2.49 3.22 -3.51
N THR A 20 -1.35 3.56 -4.05
CA THR A 20 -0.98 3.09 -5.42
C THR A 20 -0.60 1.61 -5.27
N HIS A 21 0.13 1.32 -4.22
CA HIS A 21 0.58 -0.09 -3.96
C HIS A 21 -0.60 -1.10 -3.87
N THR A 22 -1.49 -0.83 -2.95
CA THR A 22 -2.70 -1.64 -2.66
C THR A 22 -3.42 -2.14 -3.90
N ARG A 23 -3.21 -1.42 -4.97
CA ARG A 23 -3.87 -1.81 -6.25
C ARG A 23 -3.25 -3.10 -6.83
N THR A 24 -2.43 -3.76 -6.05
CA THR A 24 -1.76 -5.03 -6.50
C THR A 24 -2.41 -6.22 -5.76
N HIS A 25 -3.35 -5.92 -4.89
CA HIS A 25 -4.06 -6.97 -4.11
C HIS A 25 -5.48 -7.05 -4.66
N THR A 26 -6.13 -5.91 -4.69
CA THR A 26 -7.53 -5.85 -5.21
C THR A 26 -7.57 -4.80 -6.32
N GLY A 27 -6.60 -4.92 -7.19
CA GLY A 27 -6.47 -4.00 -8.36
C GLY A 27 -6.00 -4.77 -9.60
N GLU A 28 -5.08 -5.68 -9.40
CA GLU A 28 -4.53 -6.50 -10.51
C GLU A 28 -5.19 -7.88 -10.50
N LYS A 29 -5.05 -8.52 -9.36
CA LYS A 29 -5.61 -9.90 -9.09
C LYS A 29 -6.46 -10.55 -10.20
N LYS A 1 6.78 9.87 8.34
CA LYS A 1 5.51 9.25 8.79
C LYS A 1 5.23 7.99 7.95
N PRO A 2 5.94 6.92 8.23
CA PRO A 2 5.74 5.59 7.56
C PRO A 2 4.29 5.12 7.52
N PHE A 3 4.06 4.29 6.54
CA PHE A 3 2.72 3.68 6.29
C PHE A 3 2.94 2.17 6.21
N GLN A 4 1.91 1.44 6.54
CA GLN A 4 1.99 -0.06 6.49
C GLN A 4 0.78 -0.56 5.71
N CYS A 5 1.02 -1.56 4.89
CA CYS A 5 -0.07 -2.14 4.09
C CYS A 5 -0.55 -3.26 5.00
N LYS A 6 -1.69 -3.06 5.62
CA LYS A 6 -2.21 -4.11 6.54
C LYS A 6 -3.11 -5.05 5.73
N THR A 7 -2.57 -5.34 4.56
CA THR A 7 -3.22 -6.24 3.59
C THR A 7 -2.19 -7.34 3.30
N CYS A 8 -0.93 -6.95 3.15
CA CYS A 8 0.16 -7.95 2.87
C CYS A 8 1.25 -7.84 3.94
N GLN A 9 1.46 -6.61 4.34
CA GLN A 9 2.45 -6.15 5.38
C GLN A 9 3.78 -5.71 4.75
N ARG A 10 3.63 -4.65 4.01
CA ARG A 10 4.75 -3.99 3.28
C ARG A 10 4.77 -2.56 3.82
N LYS A 11 5.90 -1.89 3.80
CA LYS A 11 5.94 -0.49 4.34
C LYS A 11 6.19 0.55 3.24
N PHE A 12 5.76 1.76 3.54
CA PHE A 12 5.90 2.91 2.61
C PHE A 12 6.25 4.15 3.43
N SER A 13 6.40 5.25 2.74
CA SER A 13 6.75 6.55 3.40
C SER A 13 5.54 7.49 3.39
N ARG A 14 4.81 7.43 2.30
CA ARG A 14 3.59 8.28 2.13
C ARG A 14 2.33 7.43 1.95
N SER A 15 1.25 8.14 1.82
CA SER A 15 -0.09 7.52 1.64
C SER A 15 -0.35 7.43 0.12
N ASP A 16 0.22 8.35 -0.62
CA ASP A 16 0.04 8.37 -2.10
C ASP A 16 1.05 7.38 -2.72
N HIS A 17 1.62 6.57 -1.86
CA HIS A 17 2.61 5.54 -2.22
C HIS A 17 1.83 4.26 -1.91
N LEU A 18 1.40 4.15 -0.68
CA LEU A 18 0.61 2.97 -0.22
C LEU A 18 -0.50 2.74 -1.27
N LYS A 19 -1.17 3.80 -1.68
CA LYS A 19 -2.24 3.68 -2.71
C LYS A 19 -1.69 2.93 -3.93
N THR A 20 -0.74 3.52 -4.61
CA THR A 20 -0.12 2.88 -5.81
C THR A 20 0.08 1.37 -5.59
N HIS A 21 0.60 1.07 -4.43
CA HIS A 21 0.86 -0.35 -4.04
C HIS A 21 -0.39 -1.25 -3.91
N THR A 22 -1.34 -0.83 -3.10
CA THR A 22 -2.59 -1.57 -2.85
C THR A 22 -3.30 -2.05 -4.11
N ARG A 23 -2.94 -1.51 -5.26
CA ARG A 23 -3.62 -1.98 -6.50
C ARG A 23 -3.12 -3.38 -6.94
N THR A 24 -2.60 -4.11 -5.98
CA THR A 24 -2.06 -5.50 -6.16
C THR A 24 -2.96 -6.45 -5.35
N HIS A 25 -3.76 -5.85 -4.49
CA HIS A 25 -4.72 -6.58 -3.61
C HIS A 25 -6.11 -6.20 -4.13
N THR A 26 -6.26 -4.93 -4.38
CA THR A 26 -7.55 -4.35 -4.89
C THR A 26 -7.29 -3.86 -6.33
N GLY A 27 -6.92 -4.81 -7.15
CA GLY A 27 -6.63 -4.53 -8.59
C GLY A 27 -7.68 -5.22 -9.44
N GLU A 28 -8.92 -4.90 -9.14
CA GLU A 28 -10.09 -5.50 -9.88
C GLU A 28 -10.85 -4.36 -10.56
N LYS A 29 -11.57 -4.70 -11.61
CA LYS A 29 -12.35 -3.70 -12.38
C LYS A 29 -13.81 -4.17 -12.49
N LYS A 1 6.72 9.27 9.66
CA LYS A 1 5.44 8.50 9.76
C LYS A 1 5.25 7.59 8.53
N PRO A 2 5.99 6.51 8.48
CA PRO A 2 5.74 5.38 7.54
C PRO A 2 4.27 4.97 7.45
N PHE A 3 4.00 4.29 6.38
CA PHE A 3 2.63 3.76 6.08
C PHE A 3 2.77 2.26 5.94
N GLN A 4 1.71 1.52 6.21
CA GLN A 4 1.78 0.04 6.07
C GLN A 4 0.54 -0.47 5.35
N CYS A 5 0.71 -1.59 4.69
CA CYS A 5 -0.42 -2.21 3.94
C CYS A 5 -1.13 -3.21 4.87
N LYS A 6 -2.42 -3.31 4.69
CA LYS A 6 -3.23 -4.24 5.54
C LYS A 6 -3.62 -5.48 4.72
N THR A 7 -2.67 -5.87 3.90
CA THR A 7 -2.85 -7.06 3.02
C THR A 7 -1.61 -7.95 3.08
N CYS A 8 -0.46 -7.33 3.00
CA CYS A 8 0.81 -8.12 3.04
C CYS A 8 1.68 -7.66 4.21
N GLN A 9 1.45 -6.44 4.62
CA GLN A 9 2.16 -5.78 5.76
C GLN A 9 3.56 -5.36 5.30
N ARG A 10 3.50 -4.58 4.26
CA ARG A 10 4.73 -4.02 3.60
C ARG A 10 4.61 -2.54 3.98
N LYS A 11 5.71 -1.83 4.05
CA LYS A 11 5.61 -0.38 4.42
C LYS A 11 6.03 0.54 3.29
N PHE A 12 5.64 1.78 3.45
CA PHE A 12 5.94 2.85 2.45
C PHE A 12 6.35 4.11 3.21
N SER A 13 6.69 5.14 2.47
CA SER A 13 7.12 6.42 3.11
C SER A 13 5.98 7.46 3.08
N ARG A 14 5.21 7.44 2.02
CA ARG A 14 4.07 8.41 1.90
C ARG A 14 2.75 7.64 1.84
N SER A 15 1.68 8.36 1.75
CA SER A 15 0.32 7.73 1.69
C SER A 15 0.03 7.48 0.20
N ASP A 16 0.37 8.43 -0.63
CA ASP A 16 0.13 8.28 -2.10
C ASP A 16 0.95 7.05 -2.54
N HIS A 17 1.97 6.75 -1.76
CA HIS A 17 2.81 5.57 -2.12
C HIS A 17 1.98 4.33 -1.73
N LEU A 18 1.60 4.24 -0.48
CA LEU A 18 0.77 3.07 0.00
C LEU A 18 -0.37 2.77 -1.00
N LYS A 19 -1.08 3.81 -1.39
CA LYS A 19 -2.21 3.65 -2.37
C LYS A 19 -1.70 2.96 -3.64
N THR A 20 -0.73 3.56 -4.30
CA THR A 20 -0.16 2.95 -5.54
C THR A 20 0.10 1.45 -5.35
N HIS A 21 0.65 1.15 -4.19
CA HIS A 21 0.97 -0.25 -3.84
C HIS A 21 -0.29 -1.16 -3.72
N THR A 22 -1.15 -0.81 -2.81
CA THR A 22 -2.41 -1.57 -2.55
C THR A 22 -3.14 -1.98 -3.82
N ARG A 23 -3.01 -1.14 -4.80
CA ARG A 23 -3.64 -1.37 -6.14
C ARG A 23 -3.49 -2.83 -6.64
N THR A 24 -2.42 -3.49 -6.24
CA THR A 24 -2.16 -4.91 -6.68
C THR A 24 -2.83 -5.98 -5.80
N HIS A 25 -3.68 -5.51 -4.94
CA HIS A 25 -4.45 -6.38 -4.00
C HIS A 25 -5.93 -6.16 -4.30
N THR A 26 -6.27 -4.90 -4.38
CA THR A 26 -7.68 -4.47 -4.66
C THR A 26 -8.19 -5.08 -5.96
N GLY A 27 -7.37 -4.93 -6.96
CA GLY A 27 -7.63 -5.42 -8.34
C GLY A 27 -9.13 -5.55 -8.66
N GLU A 28 -9.81 -4.48 -8.32
CA GLU A 28 -11.27 -4.28 -8.47
C GLU A 28 -12.09 -5.51 -8.90
N LYS A 29 -12.06 -6.49 -8.03
CA LYS A 29 -12.81 -7.77 -8.26
C LYS A 29 -13.94 -7.90 -7.23
N LYS A 1 6.05 10.46 7.45
CA LYS A 1 6.06 9.24 8.32
C LYS A 1 6.14 7.97 7.45
N PRO A 2 6.42 6.83 8.03
CA PRO A 2 6.22 5.50 7.38
C PRO A 2 4.75 5.12 7.39
N PHE A 3 4.40 4.34 6.40
CA PHE A 3 3.02 3.83 6.20
C PHE A 3 3.08 2.32 6.03
N GLN A 4 1.99 1.64 6.22
CA GLN A 4 1.97 0.15 6.06
C GLN A 4 0.71 -0.31 5.32
N CYS A 5 0.82 -1.47 4.73
CA CYS A 5 -0.31 -2.08 3.97
C CYS A 5 -0.98 -3.06 4.94
N LYS A 6 -2.28 -3.03 4.97
CA LYS A 6 -3.05 -3.95 5.87
C LYS A 6 -3.58 -5.13 5.05
N THR A 7 -2.76 -5.54 4.14
CA THR A 7 -3.08 -6.68 3.23
C THR A 7 -1.90 -7.64 3.18
N CYS A 8 -0.71 -7.10 3.07
CA CYS A 8 0.51 -7.97 3.01
C CYS A 8 1.43 -7.66 4.18
N GLN A 9 1.32 -6.44 4.66
CA GLN A 9 2.12 -5.90 5.81
C GLN A 9 3.51 -5.52 5.32
N ARG A 10 3.46 -4.66 4.34
CA ARG A 10 4.68 -4.12 3.68
C ARG A 10 4.63 -2.63 4.04
N LYS A 11 5.76 -1.94 4.00
CA LYS A 11 5.72 -0.49 4.37
C LYS A 11 6.11 0.43 3.21
N PHE A 12 5.77 1.67 3.39
CA PHE A 12 6.05 2.73 2.38
C PHE A 12 6.47 4.01 3.11
N SER A 13 6.70 5.04 2.35
CA SER A 13 7.13 6.36 2.93
C SER A 13 6.01 7.39 2.87
N ARG A 14 5.09 7.22 1.95
CA ARG A 14 3.95 8.19 1.82
C ARG A 14 2.61 7.45 1.89
N SER A 15 1.53 8.20 1.99
CA SER A 15 0.17 7.58 2.08
C SER A 15 -0.49 7.56 0.69
N ASP A 16 0.36 7.76 -0.29
CA ASP A 16 -0.01 7.78 -1.73
C ASP A 16 0.83 6.68 -2.38
N HIS A 17 1.99 6.44 -1.81
CA HIS A 17 2.89 5.37 -2.35
C HIS A 17 2.07 4.12 -2.02
N LEU A 18 1.68 4.08 -0.77
CA LEU A 18 0.85 2.95 -0.26
C LEU A 18 -0.45 2.83 -1.10
N LYS A 19 -1.09 3.95 -1.35
CA LYS A 19 -2.36 3.96 -2.16
C LYS A 19 -2.19 3.53 -3.61
N THR A 20 -0.97 3.40 -4.03
CA THR A 20 -0.67 2.97 -5.44
C THR A 20 -0.36 1.48 -5.30
N HIS A 21 0.37 1.18 -4.26
CA HIS A 21 0.78 -0.22 -3.94
C HIS A 21 -0.45 -1.15 -3.85
N THR A 22 -1.34 -0.79 -2.96
CA THR A 22 -2.61 -1.51 -2.67
C THR A 22 -3.33 -2.00 -3.91
N ARG A 23 -3.05 -1.32 -5.01
CA ARG A 23 -3.69 -1.71 -6.29
C ARG A 23 -2.94 -2.90 -6.93
N THR A 24 -2.45 -3.75 -6.05
CA THR A 24 -1.70 -4.99 -6.40
C THR A 24 -2.43 -6.15 -5.72
N HIS A 25 -3.36 -5.80 -4.85
CA HIS A 25 -4.16 -6.79 -4.08
C HIS A 25 -5.63 -6.76 -4.54
N THR A 26 -6.22 -5.58 -4.45
CA THR A 26 -7.65 -5.41 -4.86
C THR A 26 -7.73 -4.39 -6.01
N GLY A 27 -6.93 -4.67 -7.00
CA GLY A 27 -6.85 -3.83 -8.22
C GLY A 27 -7.09 -4.77 -9.40
N GLU A 28 -8.23 -5.43 -9.36
CA GLU A 28 -8.62 -6.40 -10.43
C GLU A 28 -9.96 -6.05 -11.11
N LYS A 29 -10.98 -6.02 -10.29
CA LYS A 29 -12.39 -5.70 -10.73
C LYS A 29 -12.63 -5.64 -12.25
N LYS A 1 5.12 9.89 8.98
CA LYS A 1 6.18 8.84 9.12
C LYS A 1 5.94 7.79 7.99
N PRO A 2 6.75 6.75 7.88
CA PRO A 2 6.42 5.57 7.01
C PRO A 2 4.99 5.08 7.20
N PHE A 3 4.55 4.32 6.23
CA PHE A 3 3.18 3.74 6.21
C PHE A 3 3.28 2.24 6.10
N GLN A 4 2.19 1.56 6.40
CA GLN A 4 2.17 0.08 6.31
C GLN A 4 0.87 -0.34 5.62
N CYS A 5 0.95 -1.46 4.96
CA CYS A 5 -0.22 -2.02 4.24
C CYS A 5 -0.85 -3.09 5.13
N LYS A 6 -2.13 -3.00 5.31
CA LYS A 6 -2.84 -3.99 6.16
C LYS A 6 -3.56 -5.00 5.26
N THR A 7 -2.84 -5.34 4.22
CA THR A 7 -3.31 -6.31 3.19
C THR A 7 -2.21 -7.36 3.09
N CYS A 8 -0.97 -6.92 3.10
CA CYS A 8 0.19 -7.87 3.00
C CYS A 8 1.13 -7.74 4.21
N GLN A 9 1.41 -6.50 4.52
CA GLN A 9 2.30 -6.01 5.63
C GLN A 9 3.61 -5.56 5.02
N ARG A 10 3.45 -4.63 4.12
CA ARG A 10 4.59 -4.01 3.38
C ARG A 10 4.63 -2.57 3.89
N LYS A 11 5.72 -1.88 3.69
CA LYS A 11 5.80 -0.46 4.18
C LYS A 11 6.10 0.53 3.05
N PHE A 12 5.79 1.77 3.30
CA PHE A 12 6.02 2.87 2.31
C PHE A 12 6.50 4.12 3.03
N SER A 13 6.62 5.17 2.27
CA SER A 13 7.08 6.49 2.81
C SER A 13 5.92 7.49 2.87
N ARG A 14 5.10 7.47 1.85
CA ARG A 14 3.92 8.39 1.77
C ARG A 14 2.62 7.59 1.89
N SER A 15 1.53 8.31 1.85
CA SER A 15 0.17 7.69 1.94
C SER A 15 -0.40 7.59 0.51
N ASP A 16 0.40 8.04 -0.42
CA ASP A 16 0.04 8.03 -1.86
C ASP A 16 0.97 7.01 -2.55
N HIS A 17 1.70 6.32 -1.71
CA HIS A 17 2.67 5.26 -2.10
C HIS A 17 2.10 3.95 -1.53
N LEU A 18 1.15 4.12 -0.64
CA LEU A 18 0.47 2.97 0.01
C LEU A 18 -0.77 2.65 -0.83
N LYS A 19 -1.40 3.65 -1.41
CA LYS A 19 -2.60 3.37 -2.25
C LYS A 19 -2.08 2.91 -3.61
N THR A 20 -1.04 3.55 -4.09
CA THR A 20 -0.44 3.18 -5.40
C THR A 20 0.18 1.77 -5.27
N HIS A 21 0.22 1.30 -4.05
CA HIS A 21 0.77 -0.06 -3.77
C HIS A 21 -0.37 -1.09 -3.64
N THR A 22 -1.29 -0.84 -2.75
CA THR A 22 -2.45 -1.75 -2.51
C THR A 22 -3.23 -2.09 -3.79
N ARG A 23 -3.06 -1.29 -4.82
CA ARG A 23 -3.79 -1.56 -6.09
C ARG A 23 -3.35 -2.87 -6.78
N THR A 24 -2.48 -3.61 -6.14
CA THR A 24 -1.95 -4.91 -6.67
C THR A 24 -2.61 -6.07 -5.89
N HIS A 25 -3.46 -5.69 -4.96
CA HIS A 25 -4.21 -6.66 -4.10
C HIS A 25 -5.67 -6.65 -4.57
N THR A 26 -6.18 -5.46 -4.76
CA THR A 26 -7.59 -5.28 -5.22
C THR A 26 -7.67 -4.97 -6.71
N GLY A 27 -6.62 -4.39 -7.24
CA GLY A 27 -6.59 -4.05 -8.70
C GLY A 27 -5.80 -5.15 -9.40
N GLU A 28 -6.26 -6.36 -9.13
CA GLU A 28 -5.63 -7.60 -9.70
C GLU A 28 -6.74 -8.53 -10.27
N LYS A 29 -6.31 -9.65 -10.81
CA LYS A 29 -7.23 -10.67 -11.40
C LYS A 29 -7.17 -11.94 -10.56
N LYS A 1 9.13 8.76 8.72
CA LYS A 1 7.65 8.89 8.58
C LYS A 1 7.12 7.79 7.64
N PRO A 2 7.20 6.54 8.07
CA PRO A 2 6.82 5.35 7.25
C PRO A 2 5.33 5.03 7.35
N PHE A 3 4.90 4.24 6.41
CA PHE A 3 3.47 3.78 6.30
C PHE A 3 3.48 2.25 6.25
N GLN A 4 2.34 1.65 6.48
CA GLN A 4 2.24 0.15 6.45
C GLN A 4 0.99 -0.28 5.66
N CYS A 5 1.04 -1.45 5.07
CA CYS A 5 -0.13 -1.96 4.30
C CYS A 5 -0.82 -2.93 5.25
N LYS A 6 -2.12 -2.84 5.30
CA LYS A 6 -2.93 -3.74 6.19
C LYS A 6 -3.61 -4.80 5.31
N THR A 7 -2.87 -5.20 4.32
CA THR A 7 -3.35 -6.23 3.36
C THR A 7 -2.29 -7.31 3.21
N CYS A 8 -1.04 -6.91 3.12
CA CYS A 8 0.06 -7.93 2.97
C CYS A 8 1.01 -7.79 4.15
N GLN A 9 1.32 -6.54 4.38
CA GLN A 9 2.22 -6.01 5.45
C GLN A 9 3.56 -5.57 4.85
N ARG A 10 3.43 -4.61 3.97
CA ARG A 10 4.61 -4.02 3.28
C ARG A 10 4.62 -2.58 3.80
N LYS A 11 5.77 -1.96 3.80
CA LYS A 11 5.84 -0.56 4.30
C LYS A 11 6.13 0.42 3.16
N PHE A 12 5.86 1.67 3.42
CA PHE A 12 6.09 2.75 2.40
C PHE A 12 6.65 3.99 3.09
N SER A 13 6.76 5.05 2.33
CA SER A 13 7.29 6.35 2.83
C SER A 13 6.15 7.37 2.92
N ARG A 14 5.27 7.33 1.95
CA ARG A 14 4.10 8.27 1.92
C ARG A 14 2.78 7.49 1.96
N SER A 15 1.71 8.24 1.86
CA SER A 15 0.33 7.65 1.89
C SER A 15 -0.15 7.43 0.44
N ASP A 16 0.20 8.35 -0.43
CA ASP A 16 -0.22 8.21 -1.85
C ASP A 16 0.49 6.95 -2.33
N HIS A 17 1.68 6.76 -1.80
CA HIS A 17 2.49 5.57 -2.18
C HIS A 17 1.65 4.34 -1.78
N LEU A 18 1.29 4.27 -0.52
CA LEU A 18 0.46 3.12 -0.01
C LEU A 18 -0.74 2.84 -0.96
N LYS A 19 -1.48 3.86 -1.34
CA LYS A 19 -2.64 3.60 -2.26
C LYS A 19 -2.16 2.97 -3.58
N THR A 20 -1.18 3.57 -4.21
CA THR A 20 -0.63 3.03 -5.50
C THR A 20 -0.39 1.52 -5.31
N HIS A 21 0.24 1.22 -4.20
CA HIS A 21 0.57 -0.18 -3.81
C HIS A 21 -0.66 -1.12 -3.66
N THR A 22 -1.60 -0.75 -2.82
CA THR A 22 -2.83 -1.57 -2.58
C THR A 22 -3.55 -1.98 -3.87
N ARG A 23 -3.17 -1.32 -4.94
CA ARG A 23 -3.80 -1.65 -6.25
C ARG A 23 -2.94 -2.78 -6.89
N THR A 24 -2.54 -3.66 -6.01
CA THR A 24 -1.70 -4.86 -6.30
C THR A 24 -2.37 -6.08 -5.62
N HIS A 25 -3.32 -5.78 -4.78
CA HIS A 25 -4.08 -6.83 -4.02
C HIS A 25 -5.47 -6.87 -4.67
N THR A 26 -5.98 -5.68 -4.88
CA THR A 26 -7.33 -5.52 -5.51
C THR A 26 -7.17 -5.17 -7.00
N GLY A 27 -5.98 -4.77 -7.38
CA GLY A 27 -5.69 -4.42 -8.81
C GLY A 27 -4.66 -5.39 -9.37
N GLU A 28 -4.98 -6.66 -9.25
CA GLU A 28 -4.08 -7.76 -9.73
C GLU A 28 -4.91 -8.79 -10.54
N LYS A 29 -4.21 -9.73 -11.16
CA LYS A 29 -4.82 -10.83 -12.00
C LYS A 29 -6.36 -10.85 -12.08
N LYS A 1 6.19 10.48 7.96
CA LYS A 1 6.27 9.23 8.77
C LYS A 1 5.89 7.99 7.93
N PRO A 2 6.25 6.80 8.36
CA PRO A 2 6.01 5.54 7.60
C PRO A 2 4.53 5.18 7.49
N PHE A 3 4.27 4.36 6.50
CA PHE A 3 2.89 3.86 6.19
C PHE A 3 2.97 2.33 6.13
N GLN A 4 1.85 1.67 6.24
CA GLN A 4 1.85 0.17 6.20
C GLN A 4 0.64 -0.33 5.40
N CYS A 5 0.82 -1.47 4.76
CA CYS A 5 -0.26 -2.09 3.95
C CYS A 5 -0.85 -3.14 4.87
N LYS A 6 -2.13 -3.01 5.14
CA LYS A 6 -2.81 -3.99 6.05
C LYS A 6 -3.46 -5.06 5.16
N THR A 7 -2.70 -5.42 4.16
CA THR A 7 -3.16 -6.46 3.17
C THR A 7 -2.05 -7.52 3.04
N CYS A 8 -0.81 -7.07 2.99
CA CYS A 8 0.33 -8.05 2.86
C CYS A 8 1.25 -7.88 4.06
N GLN A 9 1.47 -6.63 4.38
CA GLN A 9 2.31 -6.11 5.50
C GLN A 9 3.65 -5.58 4.97
N ARG A 10 3.53 -4.64 4.08
CA ARG A 10 4.73 -3.99 3.45
C ARG A 10 4.65 -2.56 3.96
N LYS A 11 5.76 -1.86 4.02
CA LYS A 11 5.73 -0.45 4.50
C LYS A 11 6.08 0.52 3.38
N PHE A 12 5.75 1.77 3.61
CA PHE A 12 6.02 2.84 2.60
C PHE A 12 6.46 4.12 3.33
N SER A 13 6.69 5.13 2.55
CA SER A 13 7.14 6.45 3.09
C SER A 13 5.99 7.47 3.05
N ARG A 14 5.21 7.40 2.01
CA ARG A 14 4.05 8.35 1.85
C ARG A 14 2.73 7.55 1.82
N SER A 15 1.66 8.30 1.65
CA SER A 15 0.30 7.71 1.60
C SER A 15 -0.06 7.46 0.13
N ASP A 16 0.40 8.33 -0.73
CA ASP A 16 0.11 8.18 -2.19
C ASP A 16 0.99 7.05 -2.75
N HIS A 17 1.77 6.48 -1.86
CA HIS A 17 2.68 5.36 -2.21
C HIS A 17 1.86 4.14 -1.78
N LEU A 18 1.41 4.16 -0.54
CA LEU A 18 0.59 3.05 0.02
C LEU A 18 -0.59 2.77 -0.94
N LYS A 19 -1.27 3.81 -1.35
CA LYS A 19 -2.43 3.64 -2.29
C LYS A 19 -1.95 2.98 -3.60
N THR A 20 -0.97 3.58 -4.23
CA THR A 20 -0.42 3.01 -5.50
C THR A 20 -0.02 1.54 -5.33
N HIS A 21 0.27 1.18 -4.11
CA HIS A 21 0.67 -0.22 -3.79
C HIS A 21 -0.56 -1.15 -3.60
N THR A 22 -1.45 -0.79 -2.70
CA THR A 22 -2.68 -1.58 -2.38
C THR A 22 -3.41 -2.04 -3.63
N ARG A 23 -3.42 -1.20 -4.63
CA ARG A 23 -4.11 -1.58 -5.89
C ARG A 23 -3.47 -2.79 -6.61
N THR A 24 -2.57 -3.49 -5.96
CA THR A 24 -1.91 -4.68 -6.59
C THR A 24 -2.51 -5.95 -5.94
N HIS A 25 -3.32 -5.75 -4.93
CA HIS A 25 -3.99 -6.87 -4.20
C HIS A 25 -5.44 -6.92 -4.68
N THR A 26 -6.12 -5.81 -4.54
CA THR A 26 -7.56 -5.74 -4.98
C THR A 26 -7.74 -4.53 -5.90
N GLY A 27 -6.84 -4.42 -6.84
CA GLY A 27 -6.85 -3.30 -7.84
C GLY A 27 -6.44 -3.84 -9.21
N GLU A 28 -5.42 -4.66 -9.16
CA GLU A 28 -4.87 -5.31 -10.39
C GLU A 28 -5.32 -6.76 -10.45
N LYS A 29 -5.14 -7.33 -11.61
CA LYS A 29 -5.52 -8.75 -11.89
C LYS A 29 -4.32 -9.59 -12.35
N LYS A 1 6.84 9.74 8.82
CA LYS A 1 5.52 9.07 8.97
C LYS A 1 5.42 7.94 7.92
N PRO A 2 6.09 6.83 8.15
CA PRO A 2 5.89 5.58 7.36
C PRO A 2 4.41 5.18 7.25
N PHE A 3 4.18 4.32 6.31
CA PHE A 3 2.80 3.80 6.04
C PHE A 3 2.90 2.28 6.00
N GLN A 4 1.84 1.61 6.38
CA GLN A 4 1.84 0.12 6.37
C GLN A 4 0.69 -0.39 5.52
N CYS A 5 0.93 -1.45 4.79
CA CYS A 5 -0.14 -2.03 3.95
C CYS A 5 -0.76 -3.06 4.88
N LYS A 6 -2.02 -2.87 5.17
CA LYS A 6 -2.74 -3.81 6.07
C LYS A 6 -3.45 -4.85 5.20
N THR A 7 -2.72 -5.23 4.18
CA THR A 7 -3.21 -6.24 3.20
C THR A 7 -2.14 -7.32 3.06
N CYS A 8 -0.89 -6.90 2.94
CA CYS A 8 0.22 -7.90 2.77
C CYS A 8 1.20 -7.75 3.93
N GLN A 9 1.34 -6.51 4.34
CA GLN A 9 2.23 -6.03 5.45
C GLN A 9 3.60 -5.62 4.95
N ARG A 10 3.53 -4.59 4.13
CA ARG A 10 4.74 -3.99 3.50
C ARG A 10 4.75 -2.54 4.01
N LYS A 11 5.90 -1.90 4.09
CA LYS A 11 5.91 -0.49 4.59
C LYS A 11 6.33 0.48 3.48
N PHE A 12 5.91 1.70 3.63
CA PHE A 12 6.21 2.79 2.64
C PHE A 12 6.62 4.07 3.35
N SER A 13 6.73 5.10 2.55
CA SER A 13 7.14 6.46 3.02
C SER A 13 5.95 7.44 2.98
N ARG A 14 5.18 7.39 1.91
CA ARG A 14 4.00 8.31 1.75
C ARG A 14 2.68 7.53 1.75
N SER A 15 1.61 8.28 1.81
CA SER A 15 0.23 7.70 1.81
C SER A 15 -0.15 7.42 0.36
N ASP A 16 0.24 8.35 -0.49
CA ASP A 16 -0.05 8.21 -1.94
C ASP A 16 0.78 7.03 -2.44
N HIS A 17 1.88 6.78 -1.77
CA HIS A 17 2.74 5.64 -2.18
C HIS A 17 1.93 4.39 -1.78
N LEU A 18 1.65 4.27 -0.50
CA LEU A 18 0.85 3.11 0.02
C LEU A 18 -0.30 2.81 -0.94
N LYS A 19 -1.07 3.82 -1.25
CA LYS A 19 -2.23 3.70 -2.19
C LYS A 19 -1.84 2.92 -3.45
N THR A 20 -1.01 3.57 -4.24
CA THR A 20 -0.51 2.99 -5.51
C THR A 20 -0.13 1.51 -5.35
N HIS A 21 0.51 1.25 -4.26
CA HIS A 21 0.94 -0.15 -3.95
C HIS A 21 -0.23 -1.12 -3.72
N THR A 22 -0.99 -0.83 -2.70
CA THR A 22 -2.17 -1.66 -2.29
C THR A 22 -2.97 -2.12 -3.48
N ARG A 23 -3.20 -1.18 -4.35
CA ARG A 23 -3.96 -1.44 -5.61
C ARG A 23 -3.74 -2.85 -6.23
N THR A 24 -2.56 -3.41 -6.07
CA THR A 24 -2.27 -4.76 -6.64
C THR A 24 -2.89 -5.92 -5.81
N HIS A 25 -3.79 -5.51 -4.95
CA HIS A 25 -4.52 -6.45 -4.04
C HIS A 25 -6.00 -6.45 -4.48
N THR A 26 -6.30 -5.64 -5.46
CA THR A 26 -7.69 -5.50 -6.01
C THR A 26 -7.64 -5.88 -7.49
N GLY A 27 -6.64 -5.33 -8.13
CA GLY A 27 -6.34 -5.52 -9.59
C GLY A 27 -7.44 -6.12 -10.46
N GLU A 28 -8.62 -5.57 -10.32
CA GLU A 28 -9.81 -6.04 -11.10
C GLU A 28 -10.24 -4.85 -11.98
N LYS A 29 -10.39 -5.13 -13.26
CA LYS A 29 -10.80 -4.10 -14.30
C LYS A 29 -11.06 -2.67 -13.80
N LYS A 1 7.48 9.22 9.43
CA LYS A 1 6.07 8.99 9.02
C LYS A 1 6.04 7.85 7.98
N PRO A 2 6.30 6.64 8.44
CA PRO A 2 6.19 5.41 7.62
C PRO A 2 4.73 4.94 7.59
N PHE A 3 4.43 4.25 6.53
CA PHE A 3 3.07 3.69 6.29
C PHE A 3 3.23 2.19 6.13
N GLN A 4 2.14 1.48 6.32
CA GLN A 4 2.17 0.00 6.19
C GLN A 4 0.88 -0.43 5.48
N CYS A 5 0.98 -1.51 4.76
CA CYS A 5 -0.23 -2.02 4.05
C CYS A 5 -1.00 -2.93 5.00
N LYS A 6 -2.31 -2.86 4.88
CA LYS A 6 -3.21 -3.68 5.74
C LYS A 6 -3.74 -4.89 4.96
N THR A 7 -2.91 -5.36 4.07
CA THR A 7 -3.26 -6.53 3.22
C THR A 7 -2.13 -7.55 3.23
N CYS A 8 -0.91 -7.06 3.17
CA CYS A 8 0.28 -7.99 3.17
C CYS A 8 1.21 -7.71 4.34
N GLN A 9 1.40 -6.42 4.54
CA GLN A 9 2.26 -5.80 5.60
C GLN A 9 3.60 -5.39 4.99
N ARG A 10 3.45 -4.56 4.00
CA ARG A 10 4.62 -4.01 3.24
C ARG A 10 4.68 -2.59 3.79
N LYS A 11 5.80 -1.94 3.67
CA LYS A 11 5.91 -0.54 4.21
C LYS A 11 6.11 0.49 3.11
N PHE A 12 5.83 1.73 3.44
CA PHE A 12 5.99 2.85 2.46
C PHE A 12 6.47 4.10 3.20
N SER A 13 6.71 5.12 2.43
CA SER A 13 7.19 6.43 2.97
C SER A 13 6.07 7.47 2.94
N ARG A 14 5.33 7.46 1.87
CA ARG A 14 4.19 8.41 1.69
C ARG A 14 2.86 7.64 1.73
N SER A 15 1.79 8.41 1.76
CA SER A 15 0.43 7.83 1.79
C SER A 15 0.03 7.53 0.35
N ASP A 16 0.44 8.42 -0.54
CA ASP A 16 0.13 8.27 -1.98
C ASP A 16 0.82 6.99 -2.45
N HIS A 17 1.94 6.72 -1.83
CA HIS A 17 2.70 5.49 -2.19
C HIS A 17 1.83 4.31 -1.75
N LEU A 18 1.57 4.24 -0.46
CA LEU A 18 0.72 3.14 0.10
C LEU A 18 -0.47 2.83 -0.83
N LYS A 19 -1.21 3.85 -1.19
CA LYS A 19 -2.38 3.66 -2.11
C LYS A 19 -1.93 2.94 -3.39
N THR A 20 -1.02 3.56 -4.10
CA THR A 20 -0.49 2.95 -5.39
C THR A 20 -0.23 1.46 -5.23
N HIS A 21 0.31 1.12 -4.09
CA HIS A 21 0.62 -0.30 -3.79
C HIS A 21 -0.62 -1.18 -3.52
N THR A 22 -1.43 -0.80 -2.56
CA THR A 22 -2.65 -1.56 -2.18
C THR A 22 -3.45 -2.01 -3.38
N ARG A 23 -3.47 -1.18 -4.39
CA ARG A 23 -4.23 -1.57 -5.61
C ARG A 23 -3.41 -2.53 -6.52
N THR A 24 -2.81 -3.49 -5.86
CA THR A 24 -1.96 -4.56 -6.49
C THR A 24 -2.59 -5.90 -6.04
N HIS A 25 -3.31 -5.81 -4.95
CA HIS A 25 -3.99 -6.98 -4.35
C HIS A 25 -5.37 -7.18 -4.98
N THR A 26 -6.15 -6.12 -4.98
CA THR A 26 -7.53 -6.18 -5.56
C THR A 26 -7.78 -5.13 -6.64
N GLY A 27 -6.97 -4.10 -6.65
CA GLY A 27 -7.17 -3.02 -7.67
C GLY A 27 -6.15 -3.17 -8.82
N GLU A 28 -5.99 -4.40 -9.22
CA GLU A 28 -5.06 -4.77 -10.31
C GLU A 28 -5.90 -5.46 -11.40
N LYS A 29 -6.80 -4.67 -11.95
CA LYS A 29 -7.73 -5.16 -13.02
C LYS A 29 -7.37 -4.49 -14.36
N LYS A 1 7.59 9.65 7.98
CA LYS A 1 6.17 9.45 8.39
C LYS A 1 5.68 8.16 7.68
N PRO A 2 6.27 7.03 7.98
CA PRO A 2 6.01 5.75 7.26
C PRO A 2 4.53 5.32 7.29
N PHE A 3 4.21 4.51 6.33
CA PHE A 3 2.84 3.94 6.13
C PHE A 3 2.97 2.42 6.02
N GLN A 4 1.89 1.69 6.10
CA GLN A 4 1.97 0.21 5.98
C GLN A 4 0.68 -0.33 5.32
N CYS A 5 0.83 -1.46 4.68
CA CYS A 5 -0.31 -2.12 3.99
C CYS A 5 -0.88 -3.15 4.96
N LYS A 6 -2.18 -3.06 5.17
CA LYS A 6 -2.86 -4.01 6.10
C LYS A 6 -3.42 -5.16 5.28
N THR A 7 -2.64 -5.54 4.29
CA THR A 7 -3.04 -6.65 3.39
C THR A 7 -1.89 -7.66 3.27
N CYS A 8 -0.68 -7.15 3.10
CA CYS A 8 0.51 -8.07 2.96
C CYS A 8 1.53 -7.79 4.07
N GLN A 9 1.51 -6.56 4.53
CA GLN A 9 2.40 -6.02 5.61
C GLN A 9 3.73 -5.53 5.07
N ARG A 10 3.60 -4.58 4.16
CA ARG A 10 4.78 -3.95 3.50
C ARG A 10 4.69 -2.50 3.95
N LYS A 11 5.80 -1.80 4.04
CA LYS A 11 5.74 -0.37 4.48
C LYS A 11 6.14 0.60 3.38
N PHE A 12 5.77 1.84 3.60
CA PHE A 12 6.06 2.95 2.65
C PHE A 12 6.52 4.18 3.43
N SER A 13 6.68 5.26 2.71
CA SER A 13 7.14 6.56 3.30
C SER A 13 5.96 7.54 3.25
N ARG A 14 5.23 7.45 2.18
CA ARG A 14 4.04 8.32 1.93
C ARG A 14 2.76 7.49 1.88
N SER A 15 1.68 8.20 1.62
CA SER A 15 0.33 7.58 1.53
C SER A 15 0.03 7.35 0.05
N ASP A 16 0.69 8.12 -0.79
CA ASP A 16 0.49 8.00 -2.27
C ASP A 16 1.51 6.98 -2.82
N HIS A 17 2.00 6.21 -1.88
CA HIS A 17 3.00 5.13 -2.07
C HIS A 17 2.31 3.84 -1.57
N LEU A 18 1.27 4.06 -0.79
CA LEU A 18 0.46 2.95 -0.19
C LEU A 18 -0.84 2.80 -1.00
N LYS A 19 -1.54 3.88 -1.25
CA LYS A 19 -2.83 3.80 -2.03
C LYS A 19 -2.56 3.50 -3.51
N THR A 20 -1.30 3.29 -3.82
CA THR A 20 -0.84 2.98 -5.20
C THR A 20 -0.50 1.49 -5.14
N HIS A 21 0.14 1.13 -4.06
CA HIS A 21 0.56 -0.27 -3.79
C HIS A 21 -0.66 -1.22 -3.70
N THR A 22 -1.56 -0.90 -2.80
CA THR A 22 -2.80 -1.67 -2.53
C THR A 22 -3.53 -2.08 -3.81
N ARG A 23 -3.25 -1.32 -4.84
CA ARG A 23 -3.89 -1.59 -6.16
C ARG A 23 -3.17 -2.77 -6.88
N THR A 24 -2.70 -3.69 -6.07
CA THR A 24 -2.00 -4.91 -6.53
C THR A 24 -2.75 -6.11 -5.92
N HIS A 25 -3.45 -5.82 -4.84
CA HIS A 25 -4.25 -6.81 -4.09
C HIS A 25 -5.71 -6.70 -4.56
N THR A 26 -6.16 -5.47 -4.68
CA THR A 26 -7.58 -5.20 -5.11
C THR A 26 -7.67 -4.69 -6.55
N GLY A 27 -6.64 -4.05 -7.01
CA GLY A 27 -6.64 -3.50 -8.41
C GLY A 27 -5.66 -4.25 -9.31
N GLU A 28 -5.77 -5.56 -9.29
CA GLU A 28 -4.92 -6.50 -10.11
C GLU A 28 -4.11 -5.84 -11.23
N LYS A 29 -2.83 -5.72 -10.99
CA LYS A 29 -1.90 -5.09 -11.99
C LYS A 29 -0.89 -6.13 -12.49
N LYS A 1 7.25 9.67 8.13
CA LYS A 1 5.99 9.22 8.80
C LYS A 1 5.48 7.98 8.04
N PRO A 2 6.18 6.87 8.14
CA PRO A 2 5.88 5.62 7.38
C PRO A 2 4.41 5.19 7.38
N PHE A 3 4.12 4.42 6.37
CA PHE A 3 2.76 3.86 6.12
C PHE A 3 2.89 2.35 5.98
N GLN A 4 1.85 1.61 6.24
CA GLN A 4 1.97 0.12 6.09
C GLN A 4 0.74 -0.41 5.37
N CYS A 5 0.94 -1.50 4.69
CA CYS A 5 -0.17 -2.14 3.93
C CYS A 5 -0.83 -3.14 4.89
N LYS A 6 -2.13 -3.01 5.00
CA LYS A 6 -2.92 -3.91 5.89
C LYS A 6 -3.55 -5.02 5.07
N THR A 7 -2.76 -5.46 4.13
CA THR A 7 -3.15 -6.55 3.20
C THR A 7 -2.01 -7.56 3.18
N CYS A 8 -0.79 -7.08 3.13
CA CYS A 8 0.38 -8.00 3.10
C CYS A 8 1.37 -7.69 4.23
N GLN A 9 1.43 -6.42 4.59
CA GLN A 9 2.31 -5.86 5.67
C GLN A 9 3.67 -5.47 5.10
N ARG A 10 3.56 -4.53 4.20
CA ARG A 10 4.74 -3.95 3.48
C ARG A 10 4.74 -2.50 3.96
N LYS A 11 5.87 -1.83 3.96
CA LYS A 11 5.88 -0.41 4.42
C LYS A 11 6.23 0.58 3.30
N PHE A 12 5.78 1.80 3.49
CA PHE A 12 6.00 2.90 2.52
C PHE A 12 6.40 4.17 3.27
N SER A 13 6.62 5.21 2.53
CA SER A 13 7.02 6.53 3.10
C SER A 13 5.84 7.50 3.04
N ARG A 14 5.07 7.37 1.99
CA ARG A 14 3.88 8.24 1.76
C ARG A 14 2.58 7.42 1.76
N SER A 15 1.50 8.14 1.77
CA SER A 15 0.15 7.51 1.78
C SER A 15 -0.20 7.27 0.30
N ASP A 16 0.20 8.20 -0.52
CA ASP A 16 -0.06 8.10 -1.98
C ASP A 16 0.72 6.88 -2.47
N HIS A 17 1.80 6.62 -1.80
CA HIS A 17 2.65 5.46 -2.17
C HIS A 17 1.85 4.21 -1.75
N LEU A 18 1.57 4.11 -0.46
CA LEU A 18 0.80 2.96 0.08
C LEU A 18 -0.37 2.58 -0.86
N LYS A 19 -1.17 3.56 -1.21
CA LYS A 19 -2.34 3.30 -2.12
C LYS A 19 -1.85 2.64 -3.43
N THR A 20 -1.06 3.37 -4.19
CA THR A 20 -0.51 2.84 -5.49
C THR A 20 -0.13 1.36 -5.34
N HIS A 21 0.55 1.08 -4.25
CA HIS A 21 0.99 -0.29 -3.93
C HIS A 21 -0.21 -1.25 -3.82
N THR A 22 -1.08 -0.98 -2.88
CA THR A 22 -2.30 -1.81 -2.62
C THR A 22 -3.07 -2.14 -3.90
N ARG A 23 -2.89 -1.33 -4.91
CA ARG A 23 -3.59 -1.57 -6.21
C ARG A 23 -3.32 -3.02 -6.73
N THR A 24 -2.25 -3.62 -6.26
CA THR A 24 -1.89 -5.00 -6.69
C THR A 24 -2.58 -6.05 -5.78
N HIS A 25 -3.58 -5.58 -5.09
CA HIS A 25 -4.38 -6.41 -4.16
C HIS A 25 -5.86 -6.28 -4.54
N THR A 26 -6.31 -5.04 -4.62
CA THR A 26 -7.74 -4.74 -4.98
C THR A 26 -7.90 -3.84 -6.21
N GLY A 27 -6.82 -3.49 -6.86
CA GLY A 27 -6.91 -2.61 -8.06
C GLY A 27 -7.41 -3.45 -9.24
N GLU A 28 -6.78 -4.57 -9.41
CA GLU A 28 -7.11 -5.54 -10.48
C GLU A 28 -8.46 -6.25 -10.23
N LYS A 29 -8.98 -6.06 -9.05
CA LYS A 29 -10.28 -6.67 -8.64
C LYS A 29 -11.29 -5.55 -8.35
N LYS A 1 7.59 10.29 7.27
CA LYS A 1 7.35 9.04 8.05
C LYS A 1 7.09 7.86 7.09
N PRO A 2 7.48 6.65 7.43
CA PRO A 2 7.02 5.43 6.73
C PRO A 2 5.51 5.16 6.93
N PHE A 3 5.03 4.28 6.09
CA PHE A 3 3.59 3.86 6.09
C PHE A 3 3.51 2.33 6.12
N GLN A 4 2.34 1.80 6.36
CA GLN A 4 2.15 0.31 6.41
C GLN A 4 0.90 -0.12 5.62
N CYS A 5 0.96 -1.31 5.07
CA CYS A 5 -0.20 -1.86 4.29
C CYS A 5 -0.93 -2.79 5.26
N LYS A 6 -2.23 -2.77 5.20
CA LYS A 6 -3.04 -3.63 6.11
C LYS A 6 -3.60 -4.81 5.32
N THR A 7 -2.97 -5.05 4.19
CA THR A 7 -3.37 -6.15 3.28
C THR A 7 -2.23 -7.17 3.23
N CYS A 8 -1.01 -6.68 3.15
CA CYS A 8 0.16 -7.63 3.09
C CYS A 8 1.27 -7.25 4.08
N GLN A 9 0.95 -6.33 4.95
CA GLN A 9 1.92 -5.84 5.99
C GLN A 9 3.30 -5.54 5.37
N ARG A 10 3.24 -4.63 4.43
CA ARG A 10 4.45 -4.16 3.68
C ARG A 10 4.55 -2.67 4.04
N LYS A 11 5.71 -2.06 3.92
CA LYS A 11 5.79 -0.61 4.29
C LYS A 11 6.10 0.28 3.09
N PHE A 12 5.88 1.55 3.29
CA PHE A 12 6.12 2.58 2.23
C PHE A 12 6.72 3.85 2.85
N SER A 13 6.79 4.87 2.04
CA SER A 13 7.34 6.19 2.46
C SER A 13 6.20 7.21 2.59
N ARG A 14 5.21 7.11 1.73
CA ARG A 14 4.06 8.08 1.82
C ARG A 14 2.72 7.32 1.87
N SER A 15 1.67 8.08 2.05
CA SER A 15 0.29 7.50 2.15
C SER A 15 -0.24 7.29 0.72
N ASP A 16 0.02 8.25 -0.13
CA ASP A 16 -0.44 8.15 -1.55
C ASP A 16 0.37 7.02 -2.18
N HIS A 17 1.56 6.81 -1.67
CA HIS A 17 2.41 5.71 -2.23
C HIS A 17 1.71 4.42 -1.79
N LEU A 18 1.59 4.22 -0.50
CA LEU A 18 0.91 3.01 0.07
C LEU A 18 -0.34 2.66 -0.76
N LYS A 19 -1.17 3.65 -0.94
CA LYS A 19 -2.42 3.50 -1.74
C LYS A 19 -2.12 2.82 -3.07
N THR A 20 -1.42 3.55 -3.92
CA THR A 20 -1.03 3.04 -5.28
C THR A 20 -0.62 1.57 -5.20
N HIS A 21 0.17 1.28 -4.20
CA HIS A 21 0.66 -0.11 -3.98
C HIS A 21 -0.51 -1.11 -3.84
N THR A 22 -1.31 -0.87 -2.83
CA THR A 22 -2.51 -1.70 -2.48
C THR A 22 -3.29 -2.09 -3.73
N ARG A 23 -3.17 -1.26 -4.74
CA ARG A 23 -3.87 -1.54 -6.01
C ARG A 23 -3.11 -2.62 -6.82
N THR A 24 -2.56 -3.56 -6.10
CA THR A 24 -1.78 -4.71 -6.63
C THR A 24 -2.46 -5.96 -6.03
N HIS A 25 -3.31 -5.70 -5.06
CA HIS A 25 -4.06 -6.76 -4.34
C HIS A 25 -5.44 -6.91 -4.99
N THR A 26 -6.03 -5.78 -5.32
CA THR A 26 -7.37 -5.78 -5.96
C THR A 26 -7.38 -5.35 -7.42
N GLY A 27 -6.53 -4.41 -7.72
CA GLY A 27 -6.42 -3.88 -9.12
C GLY A 27 -5.09 -4.22 -9.77
N GLU A 28 -4.84 -5.49 -9.86
CA GLU A 28 -3.56 -5.98 -10.48
C GLU A 28 -3.44 -5.43 -11.93
N LYS A 29 -2.23 -5.48 -12.45
CA LYS A 29 -1.96 -4.98 -13.84
C LYS A 29 -1.44 -6.13 -14.72
N LYS A 1 5.86 9.55 8.68
CA LYS A 1 4.56 9.17 8.05
C LYS A 1 4.65 7.69 7.62
N PRO A 2 4.52 6.78 8.57
CA PRO A 2 4.52 5.32 8.30
C PRO A 2 3.15 4.87 7.80
N PHE A 3 3.20 4.26 6.65
CA PHE A 3 1.98 3.72 5.98
C PHE A 3 2.16 2.22 5.96
N GLN A 4 1.08 1.49 6.11
CA GLN A 4 1.14 0.00 6.10
C GLN A 4 0.15 -0.56 5.09
N CYS A 5 0.48 -1.71 4.55
CA CYS A 5 -0.42 -2.36 3.55
C CYS A 5 -1.16 -3.40 4.38
N LYS A 6 -2.44 -3.49 4.16
CA LYS A 6 -3.26 -4.47 4.92
C LYS A 6 -3.50 -5.75 4.12
N THR A 7 -2.62 -5.97 3.18
CA THR A 7 -2.71 -7.18 2.32
C THR A 7 -1.43 -7.99 2.53
N CYS A 8 -0.30 -7.31 2.53
CA CYS A 8 1.00 -8.04 2.73
C CYS A 8 1.85 -7.46 3.87
N GLN A 9 1.27 -6.57 4.64
CA GLN A 9 2.01 -5.93 5.78
C GLN A 9 3.37 -5.42 5.30
N ARG A 10 3.25 -4.58 4.32
CA ARG A 10 4.40 -3.93 3.64
C ARG A 10 4.21 -2.46 3.94
N LYS A 11 5.25 -1.81 4.43
CA LYS A 11 5.13 -0.37 4.75
C LYS A 11 5.78 0.55 3.72
N PHE A 12 5.37 1.79 3.82
CA PHE A 12 5.86 2.86 2.91
C PHE A 12 6.13 4.15 3.69
N SER A 13 6.66 5.13 3.00
CA SER A 13 7.00 6.46 3.60
C SER A 13 5.93 7.50 3.25
N ARG A 14 5.29 7.28 2.13
CA ARG A 14 4.23 8.20 1.63
C ARG A 14 2.88 7.47 1.53
N SER A 15 1.85 8.28 1.40
CA SER A 15 0.47 7.74 1.28
C SER A 15 0.20 7.39 -0.17
N ASP A 16 0.71 8.23 -1.04
CA ASP A 16 0.55 8.04 -2.51
C ASP A 16 1.24 6.75 -2.85
N HIS A 17 2.34 6.50 -2.16
CA HIS A 17 3.07 5.24 -2.43
C HIS A 17 2.17 4.08 -1.98
N LEU A 18 1.87 4.05 -0.70
CA LEU A 18 0.99 2.98 -0.14
C LEU A 18 -0.18 2.65 -1.10
N LYS A 19 -0.93 3.67 -1.45
CA LYS A 19 -2.08 3.46 -2.37
C LYS A 19 -1.68 2.77 -3.67
N THR A 20 -0.82 3.39 -4.43
CA THR A 20 -0.36 2.77 -5.72
C THR A 20 -0.02 1.29 -5.54
N HIS A 21 0.67 1.04 -4.45
CA HIS A 21 1.07 -0.35 -4.13
C HIS A 21 -0.15 -1.26 -3.92
N THR A 22 -0.94 -0.97 -2.91
CA THR A 22 -2.15 -1.78 -2.58
C THR A 22 -3.06 -2.00 -3.78
N ARG A 23 -3.23 -0.94 -4.53
CA ARG A 23 -4.08 -0.92 -5.76
C ARG A 23 -4.05 -2.25 -6.54
N THR A 24 -2.91 -2.92 -6.46
CA THR A 24 -2.72 -4.22 -7.15
C THR A 24 -3.39 -5.37 -6.39
N HIS A 25 -3.18 -5.46 -5.10
CA HIS A 25 -3.81 -6.57 -4.32
C HIS A 25 -4.66 -6.10 -3.13
N THR A 26 -5.40 -5.06 -3.38
CA THR A 26 -6.30 -4.48 -2.34
C THR A 26 -7.62 -4.08 -3.00
N GLY A 27 -7.47 -3.47 -4.14
CA GLY A 27 -8.65 -3.00 -4.94
C GLY A 27 -8.64 -3.67 -6.31
N GLU A 28 -8.56 -4.98 -6.27
CA GLU A 28 -8.54 -5.81 -7.53
C GLU A 28 -9.67 -6.85 -7.43
N LYS A 29 -10.88 -6.35 -7.45
CA LYS A 29 -12.09 -7.23 -7.37
C LYS A 29 -12.99 -7.04 -8.61
N LYS A 1 6.32 10.33 8.32
CA LYS A 1 5.66 9.21 9.08
C LYS A 1 5.57 8.00 8.10
N PRO A 2 5.60 6.78 8.60
CA PRO A 2 5.45 5.56 7.76
C PRO A 2 3.99 5.15 7.61
N PHE A 3 3.80 4.38 6.58
CA PHE A 3 2.47 3.82 6.20
C PHE A 3 2.63 2.30 6.18
N GLN A 4 1.55 1.59 6.39
CA GLN A 4 1.61 0.10 6.39
C GLN A 4 0.50 -0.49 5.52
N CYS A 5 0.78 -1.62 4.91
CA CYS A 5 -0.23 -2.29 4.05
C CYS A 5 -0.88 -3.30 4.99
N LYS A 6 -2.18 -3.35 4.93
CA LYS A 6 -2.95 -4.30 5.80
C LYS A 6 -3.32 -5.54 4.97
N THR A 7 -2.43 -5.87 4.07
CA THR A 7 -2.64 -7.05 3.19
C THR A 7 -1.40 -7.92 3.15
N CYS A 8 -0.25 -7.30 2.98
CA CYS A 8 1.02 -8.11 2.94
C CYS A 8 2.02 -7.59 3.96
N GLN A 9 1.56 -6.65 4.75
CA GLN A 9 2.41 -6.03 5.80
C GLN A 9 3.73 -5.52 5.22
N ARG A 10 3.53 -4.63 4.28
CA ARG A 10 4.65 -3.96 3.55
C ARG A 10 4.55 -2.51 4.04
N LYS A 11 5.65 -1.82 4.12
CA LYS A 11 5.57 -0.40 4.60
C LYS A 11 5.99 0.60 3.51
N PHE A 12 5.60 1.83 3.75
CA PHE A 12 5.91 2.95 2.81
C PHE A 12 6.26 4.19 3.62
N SER A 13 6.61 5.24 2.92
CA SER A 13 6.98 6.54 3.57
C SER A 13 5.87 7.58 3.39
N ARG A 14 5.18 7.44 2.29
CA ARG A 14 4.06 8.36 1.94
C ARG A 14 2.76 7.56 1.80
N SER A 15 1.70 8.27 1.46
CA SER A 15 0.36 7.63 1.30
C SER A 15 0.14 7.37 -0.19
N ASP A 16 0.65 8.25 -1.02
CA ASP A 16 0.48 8.08 -2.50
C ASP A 16 1.21 6.79 -2.88
N HIS A 17 2.15 6.43 -2.04
CA HIS A 17 2.94 5.19 -2.27
C HIS A 17 2.10 4.00 -1.80
N LEU A 18 1.45 4.15 -0.67
CA LEU A 18 0.61 3.03 -0.16
C LEU A 18 -0.50 2.82 -1.21
N LYS A 19 -1.16 3.86 -1.67
CA LYS A 19 -2.25 3.71 -2.69
C LYS A 19 -1.72 2.94 -3.92
N THR A 20 -0.73 3.51 -4.57
CA THR A 20 -0.13 2.86 -5.79
C THR A 20 0.20 1.38 -5.56
N HIS A 21 0.42 1.05 -4.30
CA HIS A 21 0.75 -0.35 -3.93
C HIS A 21 -0.54 -1.19 -3.73
N THR A 22 -1.40 -0.74 -2.87
CA THR A 22 -2.69 -1.40 -2.52
C THR A 22 -3.51 -1.78 -3.75
N ARG A 23 -3.44 -0.97 -4.77
CA ARG A 23 -4.21 -1.29 -6.00
C ARG A 23 -3.75 -2.60 -6.72
N THR A 24 -2.96 -3.39 -6.03
CA THR A 24 -2.42 -4.70 -6.55
C THR A 24 -3.12 -5.85 -5.78
N HIS A 25 -3.81 -5.46 -4.74
CA HIS A 25 -4.57 -6.39 -3.84
C HIS A 25 -6.04 -6.12 -4.17
N THR A 26 -6.34 -4.86 -4.34
CA THR A 26 -7.72 -4.41 -4.68
C THR A 26 -7.89 -4.77 -6.16
N GLY A 27 -6.82 -4.53 -6.87
CA GLY A 27 -6.78 -4.81 -8.34
C GLY A 27 -5.91 -6.06 -8.46
N GLU A 28 -6.43 -7.10 -7.85
CA GLU A 28 -5.78 -8.44 -7.82
C GLU A 28 -6.72 -9.49 -8.42
N LYS A 29 -6.19 -10.66 -8.65
CA LYS A 29 -7.00 -11.77 -9.24
C LYS A 29 -6.76 -13.07 -8.45
N LYS A 1 7.89 9.00 8.97
CA LYS A 1 6.41 9.07 8.79
C LYS A 1 5.99 7.88 7.88
N PRO A 2 6.18 6.68 8.38
CA PRO A 2 6.01 5.45 7.56
C PRO A 2 4.53 5.10 7.40
N PHE A 3 4.31 4.28 6.40
CA PHE A 3 2.94 3.79 6.04
C PHE A 3 3.01 2.27 6.04
N GLN A 4 1.90 1.63 6.25
CA GLN A 4 1.86 0.13 6.27
C GLN A 4 0.65 -0.35 5.48
N CYS A 5 0.80 -1.47 4.80
CA CYS A 5 -0.33 -2.03 4.01
C CYS A 5 -1.01 -3.02 4.94
N LYS A 6 -2.32 -3.05 4.90
CA LYS A 6 -3.09 -3.97 5.79
C LYS A 6 -3.60 -5.14 4.93
N THR A 7 -2.76 -5.53 4.01
CA THR A 7 -3.07 -6.65 3.09
C THR A 7 -1.89 -7.62 3.05
N CYS A 8 -0.70 -7.08 2.96
CA CYS A 8 0.53 -7.95 2.91
C CYS A 8 1.43 -7.64 4.10
N GLN A 9 1.42 -6.37 4.46
CA GLN A 9 2.19 -5.77 5.61
C GLN A 9 3.55 -5.33 5.09
N ARG A 10 3.45 -4.50 4.09
CA ARG A 10 4.63 -3.90 3.40
C ARG A 10 4.54 -2.44 3.77
N LYS A 11 5.66 -1.84 4.09
CA LYS A 11 5.64 -0.39 4.47
C LYS A 11 6.10 0.51 3.33
N PHE A 12 5.81 1.77 3.51
CA PHE A 12 6.17 2.82 2.51
C PHE A 12 6.65 4.07 3.25
N SER A 13 6.96 5.07 2.46
CA SER A 13 7.45 6.38 3.00
C SER A 13 6.32 7.40 2.89
N ARG A 14 5.60 7.34 1.80
CA ARG A 14 4.46 8.28 1.56
C ARG A 14 3.11 7.56 1.65
N SER A 15 2.09 8.32 1.39
CA SER A 15 0.68 7.84 1.43
C SER A 15 0.21 7.52 0.00
N ASP A 16 0.74 8.23 -0.96
CA ASP A 16 0.37 7.98 -2.39
C ASP A 16 1.30 6.89 -2.96
N HIS A 17 1.88 6.18 -2.04
CA HIS A 17 2.81 5.04 -2.29
C HIS A 17 2.14 3.82 -1.65
N LEU A 18 1.30 4.12 -0.69
CA LEU A 18 0.54 3.08 0.06
C LEU A 18 -0.84 2.86 -0.59
N LYS A 19 -1.62 3.90 -0.76
CA LYS A 19 -2.98 3.71 -1.39
C LYS A 19 -2.86 3.41 -2.89
N THR A 20 -1.63 3.40 -3.33
CA THR A 20 -1.27 3.14 -4.74
C THR A 20 -0.73 1.71 -4.77
N HIS A 21 -0.03 1.35 -3.72
CA HIS A 21 0.54 -0.01 -3.61
C HIS A 21 -0.61 -1.02 -3.41
N THR A 22 -1.44 -0.79 -2.42
CA THR A 22 -2.59 -1.66 -2.08
C THR A 22 -3.26 -2.19 -3.33
N ARG A 23 -3.45 -1.27 -4.24
CA ARG A 23 -4.09 -1.56 -5.55
C ARG A 23 -3.63 -2.84 -6.27
N THR A 24 -2.47 -3.34 -5.92
CA THR A 24 -1.90 -4.57 -6.55
C THR A 24 -2.63 -5.83 -6.06
N HIS A 25 -3.26 -5.73 -4.91
CA HIS A 25 -4.00 -6.87 -4.32
C HIS A 25 -5.48 -6.62 -4.70
N THR A 26 -5.68 -5.88 -5.77
CA THR A 26 -7.07 -5.57 -6.23
C THR A 26 -7.27 -5.69 -7.74
N GLY A 27 -6.44 -4.97 -8.45
CA GLY A 27 -6.50 -4.97 -9.94
C GLY A 27 -5.22 -5.44 -10.61
N GLU A 28 -4.45 -6.22 -9.90
CA GLU A 28 -3.17 -6.72 -10.49
C GLU A 28 -3.09 -8.24 -10.30
N LYS A 29 -2.89 -8.62 -9.08
CA LYS A 29 -2.79 -10.05 -8.69
C LYS A 29 -3.77 -10.30 -7.54
N LYS A 1 7.36 10.11 7.45
CA LYS A 1 6.31 9.22 8.02
C LYS A 1 6.09 8.00 7.10
N PRO A 2 6.78 6.91 7.35
CA PRO A 2 6.48 5.60 6.70
C PRO A 2 5.00 5.20 6.91
N PHE A 3 4.55 4.40 5.98
CA PHE A 3 3.16 3.87 5.98
C PHE A 3 3.20 2.35 5.84
N GLN A 4 2.11 1.69 6.15
CA GLN A 4 2.08 0.21 6.03
C GLN A 4 0.76 -0.26 5.39
N CYS A 5 0.84 -1.41 4.76
CA CYS A 5 -0.34 -2.01 4.07
C CYS A 5 -0.89 -3.08 5.03
N LYS A 6 -2.16 -2.97 5.36
CA LYS A 6 -2.77 -3.97 6.29
C LYS A 6 -3.49 -5.04 5.47
N THR A 7 -2.84 -5.39 4.40
CA THR A 7 -3.35 -6.43 3.45
C THR A 7 -2.24 -7.47 3.35
N CYS A 8 -1.01 -7.01 3.28
CA CYS A 8 0.16 -7.96 3.18
C CYS A 8 1.14 -7.73 4.33
N GLN A 9 1.28 -6.47 4.68
CA GLN A 9 2.16 -5.93 5.77
C GLN A 9 3.54 -5.53 5.24
N ARG A 10 3.46 -4.66 4.27
CA ARG A 10 4.66 -4.10 3.59
C ARG A 10 4.63 -2.61 3.91
N LYS A 11 5.73 -1.92 3.79
CA LYS A 11 5.73 -0.46 4.10
C LYS A 11 6.06 0.41 2.88
N PHE A 12 5.72 1.67 3.04
CA PHE A 12 5.93 2.73 2.02
C PHE A 12 6.45 3.99 2.72
N SER A 13 6.60 5.03 1.97
CA SER A 13 7.09 6.32 2.53
C SER A 13 5.95 7.34 2.65
N ARG A 14 5.02 7.28 1.74
CA ARG A 14 3.85 8.22 1.75
C ARG A 14 2.52 7.45 1.88
N SER A 15 1.47 8.20 2.09
CA SER A 15 0.10 7.60 2.23
C SER A 15 -0.46 7.32 0.83
N ASP A 16 -0.01 8.11 -0.10
CA ASP A 16 -0.44 7.99 -1.52
C ASP A 16 0.44 6.89 -2.13
N HIS A 17 1.63 6.70 -1.62
CA HIS A 17 2.50 5.63 -2.20
C HIS A 17 1.77 4.35 -1.75
N LEU A 18 1.49 4.27 -0.47
CA LEU A 18 0.75 3.08 0.08
C LEU A 18 -0.42 2.74 -0.89
N LYS A 19 -1.18 3.74 -1.25
CA LYS A 19 -2.33 3.52 -2.20
C LYS A 19 -1.75 2.89 -3.49
N THR A 20 -0.83 3.57 -4.12
CA THR A 20 -0.19 3.05 -5.38
C THR A 20 0.09 1.53 -5.27
N HIS A 21 0.49 1.16 -4.09
CA HIS A 21 0.80 -0.26 -3.75
C HIS A 21 -0.44 -1.16 -3.57
N THR A 22 -1.39 -0.75 -2.75
CA THR A 22 -2.62 -1.57 -2.51
C THR A 22 -3.15 -2.12 -3.83
N ARG A 23 -3.04 -1.30 -4.84
CA ARG A 23 -3.49 -1.66 -6.21
C ARG A 23 -3.13 -3.10 -6.68
N THR A 24 -2.14 -3.70 -6.08
CA THR A 24 -1.70 -5.10 -6.46
C THR A 24 -2.60 -6.18 -5.86
N HIS A 25 -3.31 -5.81 -4.83
CA HIS A 25 -4.24 -6.71 -4.10
C HIS A 25 -5.65 -6.43 -4.68
N THR A 26 -5.91 -5.17 -4.91
CA THR A 26 -7.23 -4.75 -5.47
C THR A 26 -7.13 -4.29 -6.95
N GLY A 27 -6.25 -4.95 -7.66
CA GLY A 27 -6.03 -4.66 -9.11
C GLY A 27 -6.32 -5.96 -9.86
N GLU A 28 -7.52 -6.44 -9.65
CA GLU A 28 -8.01 -7.69 -10.26
C GLU A 28 -8.99 -7.35 -11.40
N LYS A 29 -9.58 -8.36 -11.99
CA LYS A 29 -10.54 -8.13 -13.13
C LYS A 29 -11.96 -8.50 -12.69
N LYS A 1 7.78 9.41 8.83
CA LYS A 1 6.46 8.86 9.22
C LYS A 1 6.01 7.84 8.15
N PRO A 2 6.66 6.68 8.12
CA PRO A 2 6.31 5.57 7.19
C PRO A 2 4.83 5.14 7.32
N PHE A 3 4.44 4.42 6.31
CA PHE A 3 3.06 3.86 6.19
C PHE A 3 3.18 2.35 6.05
N GLN A 4 2.06 1.67 6.21
CA GLN A 4 2.08 0.18 6.08
C GLN A 4 0.80 -0.28 5.39
N CYS A 5 0.90 -1.42 4.73
CA CYS A 5 -0.26 -2.01 4.01
C CYS A 5 -0.91 -2.98 4.99
N LYS A 6 -2.22 -2.93 5.04
CA LYS A 6 -2.98 -3.82 5.97
C LYS A 6 -3.61 -4.95 5.13
N THR A 7 -2.86 -5.33 4.12
CA THR A 7 -3.27 -6.42 3.19
C THR A 7 -2.14 -7.45 3.12
N CYS A 8 -0.91 -6.95 3.09
CA CYS A 8 0.26 -7.89 3.03
C CYS A 8 1.20 -7.65 4.22
N GLN A 9 1.34 -6.38 4.54
CA GLN A 9 2.18 -5.84 5.67
C GLN A 9 3.58 -5.50 5.17
N ARG A 10 3.55 -4.55 4.25
CA ARG A 10 4.76 -4.01 3.58
C ARG A 10 4.73 -2.53 3.97
N LYS A 11 5.85 -1.84 3.98
CA LYS A 11 5.81 -0.39 4.38
C LYS A 11 6.16 0.56 3.23
N PHE A 12 5.81 1.81 3.43
CA PHE A 12 6.07 2.87 2.42
C PHE A 12 6.53 4.14 3.17
N SER A 13 6.76 5.18 2.42
CA SER A 13 7.21 6.48 3.02
C SER A 13 6.03 7.45 3.06
N ARG A 14 5.24 7.42 2.01
CA ARG A 14 4.05 8.30 1.90
C ARG A 14 2.77 7.48 1.89
N SER A 15 1.67 8.18 1.83
CA SER A 15 0.32 7.55 1.81
C SER A 15 -0.09 7.28 0.36
N ASP A 16 0.28 8.17 -0.53
CA ASP A 16 -0.07 8.00 -1.97
C ASP A 16 0.71 6.77 -2.42
N HIS A 17 1.88 6.61 -1.85
CA HIS A 17 2.73 5.44 -2.21
C HIS A 17 1.92 4.21 -1.80
N LEU A 18 1.64 4.12 -0.53
CA LEU A 18 0.84 2.97 0.02
C LEU A 18 -0.36 2.65 -0.89
N LYS A 19 -1.18 3.64 -1.16
CA LYS A 19 -2.38 3.44 -2.04
C LYS A 19 -1.98 2.74 -3.35
N THR A 20 -1.15 3.41 -4.13
CA THR A 20 -0.67 2.87 -5.44
C THR A 20 -0.34 1.38 -5.31
N HIS A 21 0.35 1.11 -4.24
CA HIS A 21 0.77 -0.29 -3.93
C HIS A 21 -0.43 -1.24 -3.69
N THR A 22 -1.23 -0.93 -2.70
CA THR A 22 -2.41 -1.78 -2.35
C THR A 22 -3.31 -2.05 -3.55
N ARG A 23 -3.25 -1.14 -4.51
CA ARG A 23 -4.08 -1.31 -5.73
C ARG A 23 -3.41 -2.32 -6.71
N THR A 24 -2.85 -3.33 -6.09
CA THR A 24 -2.14 -4.48 -6.75
C THR A 24 -2.84 -5.74 -6.18
N HIS A 25 -3.36 -5.58 -4.99
CA HIS A 25 -4.08 -6.67 -4.25
C HIS A 25 -5.53 -6.63 -4.72
N THR A 26 -6.05 -5.43 -4.77
CA THR A 26 -7.45 -5.21 -5.20
C THR A 26 -7.53 -5.47 -6.70
N GLY A 27 -6.70 -4.74 -7.40
CA GLY A 27 -6.62 -4.88 -8.88
C GLY A 27 -7.34 -3.72 -9.58
N GLU A 28 -8.57 -3.53 -9.16
CA GLU A 28 -9.51 -2.48 -9.66
C GLU A 28 -9.03 -1.57 -10.81
N LYS A 29 -8.87 -2.17 -11.97
CA LYS A 29 -8.42 -1.47 -13.22
C LYS A 29 -6.89 -1.39 -13.25
N LYS A 1 8.07 8.73 8.56
CA LYS A 1 6.65 9.17 8.47
C LYS A 1 5.86 8.03 7.77
N PRO A 2 5.88 6.86 8.37
CA PRO A 2 5.59 5.58 7.66
C PRO A 2 4.09 5.29 7.47
N PHE A 3 3.88 4.43 6.51
CA PHE A 3 2.53 3.94 6.09
C PHE A 3 2.66 2.42 5.95
N GLN A 4 1.60 1.67 6.08
CA GLN A 4 1.73 0.18 5.94
C GLN A 4 0.52 -0.42 5.23
N CYS A 5 0.75 -1.56 4.60
CA CYS A 5 -0.34 -2.26 3.88
C CYS A 5 -1.00 -3.23 4.85
N LYS A 6 -2.31 -3.29 4.78
CA LYS A 6 -3.09 -4.19 5.69
C LYS A 6 -3.49 -5.44 4.90
N THR A 7 -2.57 -5.86 4.07
CA THR A 7 -2.78 -7.07 3.22
C THR A 7 -1.54 -7.96 3.24
N CYS A 8 -0.40 -7.35 3.09
CA CYS A 8 0.87 -8.17 3.09
C CYS A 8 1.82 -7.69 4.18
N GLN A 9 1.59 -6.48 4.62
CA GLN A 9 2.39 -5.81 5.69
C GLN A 9 3.74 -5.35 5.17
N ARG A 10 3.62 -4.53 4.16
CA ARG A 10 4.80 -3.92 3.48
C ARG A 10 4.68 -2.48 3.97
N LYS A 11 5.79 -1.81 4.13
CA LYS A 11 5.73 -0.40 4.61
C LYS A 11 6.16 0.57 3.52
N PHE A 12 5.70 1.79 3.69
CA PHE A 12 5.98 2.90 2.75
C PHE A 12 6.37 4.16 3.54
N SER A 13 6.58 5.22 2.80
CA SER A 13 6.98 6.54 3.40
C SER A 13 5.83 7.55 3.25
N ARG A 14 5.12 7.43 2.15
CA ARG A 14 3.96 8.34 1.89
C ARG A 14 2.67 7.52 1.81
N SER A 15 1.61 8.23 1.50
CA SER A 15 0.26 7.61 1.37
C SER A 15 0.00 7.35 -0.11
N ASP A 16 0.64 8.11 -0.97
CA ASP A 16 0.46 7.93 -2.44
C ASP A 16 1.53 6.95 -2.97
N HIS A 17 1.95 6.14 -2.04
CA HIS A 17 2.97 5.07 -2.23
C HIS A 17 2.21 3.80 -1.81
N LEU A 18 1.48 3.96 -0.74
CA LEU A 18 0.67 2.86 -0.16
C LEU A 18 -0.63 2.68 -0.98
N LYS A 19 -1.34 3.76 -1.22
CA LYS A 19 -2.62 3.66 -2.02
C LYS A 19 -2.35 3.41 -3.51
N THR A 20 -1.10 3.20 -3.82
CA THR A 20 -0.64 2.92 -5.21
C THR A 20 -0.32 1.42 -5.17
N HIS A 21 0.35 1.05 -4.11
CA HIS A 21 0.77 -0.35 -3.85
C HIS A 21 -0.46 -1.29 -3.78
N THR A 22 -1.33 -0.99 -2.85
CA THR A 22 -2.57 -1.76 -2.60
C THR A 22 -3.37 -2.12 -3.85
N ARG A 23 -3.10 -1.41 -4.91
CA ARG A 23 -3.82 -1.67 -6.18
C ARG A 23 -3.45 -3.05 -6.79
N THR A 24 -2.45 -3.68 -6.21
CA THR A 24 -1.97 -5.01 -6.66
C THR A 24 -2.76 -6.11 -5.91
N HIS A 25 -3.54 -5.68 -4.95
CA HIS A 25 -4.37 -6.60 -4.12
C HIS A 25 -5.84 -6.38 -4.49
N THR A 26 -6.27 -5.14 -4.41
CA THR A 26 -7.69 -4.81 -4.74
C THR A 26 -7.77 -3.57 -5.67
N GLY A 27 -7.01 -3.62 -6.74
CA GLY A 27 -6.99 -2.50 -7.74
C GLY A 27 -7.21 -3.01 -9.17
N GLU A 28 -7.30 -4.31 -9.28
CA GLU A 28 -7.51 -4.99 -10.60
C GLU A 28 -8.85 -5.72 -10.56
N LYS A 29 -9.10 -6.28 -9.41
CA LYS A 29 -10.35 -7.05 -9.15
C LYS A 29 -11.16 -6.36 -8.04
N LYS A 1 7.58 10.14 7.62
CA LYS A 1 7.19 8.89 8.35
C LYS A 1 7.09 7.72 7.35
N PRO A 2 6.98 6.50 7.87
CA PRO A 2 6.59 5.33 7.05
C PRO A 2 5.07 5.06 7.12
N PHE A 3 4.65 4.24 6.20
CA PHE A 3 3.22 3.82 6.07
C PHE A 3 3.18 2.29 6.07
N GLN A 4 2.03 1.70 6.30
CA GLN A 4 1.92 0.21 6.31
C GLN A 4 0.72 -0.29 5.49
N CYS A 5 0.83 -1.47 4.92
CA CYS A 5 -0.30 -2.04 4.11
C CYS A 5 -1.05 -3.04 4.99
N LYS A 6 -2.36 -3.03 4.88
CA LYS A 6 -3.23 -3.95 5.69
C LYS A 6 -3.77 -5.05 4.78
N THR A 7 -2.89 -5.51 3.94
CA THR A 7 -3.23 -6.59 2.96
C THR A 7 -2.08 -7.58 2.94
N CYS A 8 -0.86 -7.10 3.02
CA CYS A 8 0.31 -8.04 3.00
C CYS A 8 1.14 -7.81 4.26
N GLN A 9 1.31 -6.54 4.53
CA GLN A 9 2.06 -5.95 5.69
C GLN A 9 3.44 -5.51 5.20
N ARG A 10 3.39 -4.62 4.24
CA ARG A 10 4.62 -4.04 3.63
C ARG A 10 4.57 -2.56 4.01
N LYS A 11 5.70 -1.91 4.01
CA LYS A 11 5.69 -0.46 4.37
C LYS A 11 6.08 0.41 3.16
N PHE A 12 5.77 1.67 3.33
CA PHE A 12 6.03 2.72 2.30
C PHE A 12 6.54 4.00 2.98
N SER A 13 6.68 5.03 2.19
CA SER A 13 7.17 6.35 2.71
C SER A 13 6.00 7.36 2.78
N ARG A 14 5.11 7.27 1.82
CA ARG A 14 3.92 8.17 1.75
C ARG A 14 2.60 7.40 1.78
N SER A 15 1.52 8.15 1.72
CA SER A 15 0.14 7.58 1.74
C SER A 15 -0.27 7.32 0.29
N ASP A 16 0.07 8.24 -0.57
CA ASP A 16 -0.26 8.12 -2.01
C ASP A 16 0.57 6.94 -2.51
N HIS A 17 1.74 6.78 -1.93
CA HIS A 17 2.63 5.66 -2.32
C HIS A 17 1.88 4.39 -1.88
N LEU A 18 1.57 4.31 -0.60
CA LEU A 18 0.84 3.10 -0.08
C LEU A 18 -0.34 2.78 -1.02
N LYS A 19 -1.19 3.74 -1.26
CA LYS A 19 -2.37 3.55 -2.17
C LYS A 19 -1.94 2.85 -3.49
N THR A 20 -1.04 3.47 -4.22
CA THR A 20 -0.56 2.86 -5.50
C THR A 20 -0.28 1.37 -5.28
N HIS A 21 0.37 1.10 -4.18
CA HIS A 21 0.73 -0.31 -3.82
C HIS A 21 -0.49 -1.21 -3.46
N THR A 22 -1.33 -0.79 -2.56
CA THR A 22 -2.52 -1.60 -2.16
C THR A 22 -3.27 -2.07 -3.40
N ARG A 23 -3.36 -1.19 -4.36
CA ARG A 23 -4.09 -1.57 -5.61
C ARG A 23 -3.37 -2.64 -6.47
N THR A 24 -2.47 -3.39 -5.87
CA THR A 24 -1.72 -4.47 -6.61
C THR A 24 -2.26 -5.81 -6.09
N HIS A 25 -3.07 -5.67 -5.09
CA HIS A 25 -3.75 -6.79 -4.40
C HIS A 25 -5.15 -6.72 -5.07
N THR A 26 -5.50 -5.46 -5.23
CA THR A 26 -6.74 -4.82 -5.82
C THR A 26 -7.40 -4.21 -4.60
N GLY A 27 -6.51 -3.70 -3.78
CA GLY A 27 -6.91 -3.06 -2.50
C GLY A 27 -6.69 -4.19 -1.50
N GLU A 28 -7.36 -5.28 -1.79
CA GLU A 28 -7.30 -6.53 -0.96
C GLU A 28 -6.96 -7.74 -1.86
N LYS A 29 -6.26 -8.68 -1.30
CA LYS A 29 -5.86 -9.93 -2.03
C LYS A 29 -6.03 -11.15 -1.10
N LYS A 1 7.37 10.03 7.17
CA LYS A 1 6.45 9.26 8.07
C LYS A 1 6.22 7.87 7.43
N PRO A 2 6.24 6.79 8.19
CA PRO A 2 5.97 5.43 7.66
C PRO A 2 4.46 5.12 7.52
N PHE A 3 4.19 4.33 6.52
CA PHE A 3 2.80 3.87 6.17
C PHE A 3 2.85 2.34 6.04
N GLN A 4 1.73 1.67 6.19
CA GLN A 4 1.74 0.18 6.08
C GLN A 4 0.50 -0.34 5.32
N CYS A 5 0.68 -1.49 4.75
CA CYS A 5 -0.38 -2.19 3.97
C CYS A 5 -0.87 -3.32 4.88
N LYS A 6 -2.15 -3.31 5.18
CA LYS A 6 -2.72 -4.37 6.06
C LYS A 6 -3.35 -5.46 5.20
N THR A 7 -2.56 -5.81 4.21
CA THR A 7 -2.94 -6.86 3.24
C THR A 7 -1.77 -7.83 3.19
N CYS A 8 -0.57 -7.28 3.15
CA CYS A 8 0.64 -8.14 3.09
C CYS A 8 1.61 -7.85 4.25
N GLN A 9 1.51 -6.65 4.79
CA GLN A 9 2.34 -6.14 5.93
C GLN A 9 3.66 -5.60 5.38
N ARG A 10 3.50 -4.71 4.44
CA ARG A 10 4.65 -4.05 3.76
C ARG A 10 4.55 -2.59 4.17
N LYS A 11 5.65 -1.87 4.13
CA LYS A 11 5.59 -0.44 4.54
C LYS A 11 6.03 0.48 3.40
N PHE A 12 5.65 1.72 3.56
CA PHE A 12 5.96 2.79 2.57
C PHE A 12 6.39 4.07 3.28
N SER A 13 6.70 5.05 2.48
CA SER A 13 7.16 6.38 2.99
C SER A 13 6.04 7.42 2.87
N ARG A 14 5.20 7.25 1.88
CA ARG A 14 4.07 8.17 1.64
C ARG A 14 2.72 7.43 1.62
N SER A 15 1.68 8.21 1.46
CA SER A 15 0.29 7.65 1.42
C SER A 15 -0.10 7.42 -0.04
N ASP A 16 0.36 8.28 -0.93
CA ASP A 16 0.03 8.10 -2.37
C ASP A 16 0.73 6.80 -2.76
N HIS A 17 1.87 6.58 -2.15
CA HIS A 17 2.66 5.35 -2.42
C HIS A 17 1.77 4.19 -1.96
N LEU A 18 1.49 4.13 -0.67
CA LEU A 18 0.63 3.04 -0.12
C LEU A 18 -0.60 2.79 -1.04
N LYS A 19 -1.34 3.81 -1.39
CA LYS A 19 -2.54 3.66 -2.28
C LYS A 19 -2.23 2.90 -3.59
N THR A 20 -1.16 3.30 -4.22
CA THR A 20 -0.72 2.66 -5.50
C THR A 20 -0.30 1.21 -5.22
N HIS A 21 0.32 1.02 -4.08
CA HIS A 21 0.78 -0.35 -3.68
C HIS A 21 -0.44 -1.26 -3.51
N THR A 22 -1.37 -0.82 -2.71
CA THR A 22 -2.63 -1.57 -2.45
C THR A 22 -3.42 -1.76 -3.76
N ARG A 23 -2.94 -1.11 -4.80
CA ARG A 23 -3.58 -1.18 -6.15
C ARG A 23 -2.87 -2.36 -6.88
N THR A 24 -2.50 -3.32 -6.06
CA THR A 24 -1.81 -4.58 -6.48
C THR A 24 -2.61 -5.74 -5.90
N HIS A 25 -3.28 -5.46 -4.81
CA HIS A 25 -4.11 -6.49 -4.12
C HIS A 25 -5.60 -6.39 -4.52
N THR A 26 -6.13 -5.20 -4.47
CA THR A 26 -7.58 -5.00 -4.84
C THR A 26 -7.61 -3.97 -5.97
N GLY A 27 -6.87 -4.34 -6.99
CA GLY A 27 -6.71 -3.55 -8.26
C GLY A 27 -7.54 -2.27 -8.35
N GLU A 28 -8.83 -2.43 -8.43
CA GLU A 28 -9.73 -1.23 -8.51
C GLU A 28 -10.81 -1.29 -7.42
N LYS A 29 -11.17 -0.13 -6.96
CA LYS A 29 -12.20 0.01 -5.90
C LYS A 29 -13.27 1.01 -6.38
N LYS A 1 7.03 10.08 7.57
CA LYS A 1 6.50 9.12 8.58
C LYS A 1 5.95 7.88 7.84
N PRO A 2 5.88 6.74 8.51
CA PRO A 2 5.59 5.43 7.85
C PRO A 2 4.10 5.14 7.65
N PHE A 3 3.89 4.41 6.59
CA PHE A 3 2.54 3.96 6.14
C PHE A 3 2.65 2.44 5.97
N GLN A 4 1.62 1.70 6.26
CA GLN A 4 1.70 0.22 6.10
C GLN A 4 0.49 -0.31 5.34
N CYS A 5 0.73 -1.38 4.63
CA CYS A 5 -0.30 -2.06 3.83
C CYS A 5 -0.64 -3.21 4.75
N LYS A 6 -1.76 -3.08 5.43
CA LYS A 6 -2.17 -4.16 6.38
C LYS A 6 -2.97 -5.21 5.60
N THR A 7 -2.49 -5.44 4.40
CA THR A 7 -3.10 -6.41 3.46
C THR A 7 -2.03 -7.49 3.28
N CYS A 8 -0.79 -7.06 3.13
CA CYS A 8 0.34 -8.04 2.95
C CYS A 8 1.43 -7.82 4.00
N GLN A 9 1.48 -6.61 4.51
CA GLN A 9 2.44 -6.11 5.56
C GLN A 9 3.75 -5.61 4.94
N ARG A 10 3.56 -4.64 4.08
CA ARG A 10 4.68 -3.97 3.36
C ARG A 10 4.59 -2.52 3.85
N LYS A 11 5.70 -1.81 3.86
CA LYS A 11 5.65 -0.40 4.33
C LYS A 11 6.04 0.60 3.25
N PHE A 12 5.63 1.81 3.50
CA PHE A 12 5.89 2.96 2.60
C PHE A 12 6.22 4.17 3.47
N SER A 13 6.56 5.26 2.82
CA SER A 13 6.92 6.52 3.54
C SER A 13 5.84 7.58 3.31
N ARG A 14 5.06 7.37 2.28
CA ARG A 14 3.96 8.31 1.94
C ARG A 14 2.64 7.55 1.83
N SER A 15 1.60 8.30 1.56
CA SER A 15 0.24 7.71 1.41
C SER A 15 -0.01 7.46 -0.08
N ASP A 16 0.63 8.25 -0.91
CA ASP A 16 0.48 8.11 -2.40
C ASP A 16 1.43 7.03 -2.91
N HIS A 17 1.91 6.28 -1.96
CA HIS A 17 2.84 5.15 -2.21
C HIS A 17 1.97 3.98 -1.77
N LEU A 18 1.64 4.01 -0.50
CA LEU A 18 0.77 2.96 0.10
C LEU A 18 -0.42 2.61 -0.81
N LYS A 19 -1.17 3.61 -1.21
CA LYS A 19 -2.34 3.34 -2.10
C LYS A 19 -1.89 2.65 -3.37
N THR A 20 -1.14 3.36 -4.18
CA THR A 20 -0.60 2.82 -5.47
C THR A 20 -0.29 1.32 -5.35
N HIS A 21 0.39 1.02 -4.28
CA HIS A 21 0.78 -0.38 -3.96
C HIS A 21 -0.43 -1.30 -3.69
N THR A 22 -1.23 -0.94 -2.71
CA THR A 22 -2.43 -1.75 -2.34
C THR A 22 -3.32 -2.03 -3.54
N ARG A 23 -3.16 -1.22 -4.56
CA ARG A 23 -3.99 -1.44 -5.78
C ARG A 23 -3.34 -2.54 -6.66
N THR A 24 -2.84 -3.51 -5.95
CA THR A 24 -2.15 -4.73 -6.49
C THR A 24 -2.87 -5.93 -5.81
N HIS A 25 -3.69 -5.59 -4.84
CA HIS A 25 -4.50 -6.54 -4.03
C HIS A 25 -5.92 -6.35 -4.56
N THR A 26 -6.28 -5.09 -4.68
CA THR A 26 -7.63 -4.69 -5.18
C THR A 26 -7.56 -4.62 -6.72
N GLY A 27 -6.45 -4.12 -7.17
CA GLY A 27 -6.18 -3.98 -8.63
C GLY A 27 -5.15 -5.04 -9.02
N GLU A 28 -5.58 -6.27 -8.90
CA GLU A 28 -4.72 -7.45 -9.22
C GLU A 28 -5.25 -8.10 -10.50
N LYS A 29 -6.49 -8.44 -10.44
CA LYS A 29 -7.21 -9.10 -11.58
C LYS A 29 -8.35 -8.20 -12.08
N LYS A 1 8.44 8.18 9.13
CA LYS A 1 6.98 8.52 9.14
C LYS A 1 6.25 7.54 8.19
N PRO A 2 6.30 6.27 8.56
CA PRO A 2 5.93 5.14 7.66
C PRO A 2 4.42 4.95 7.53
N PHE A 3 4.12 4.23 6.48
CA PHE A 3 2.72 3.87 6.09
C PHE A 3 2.77 2.35 5.90
N GLN A 4 1.77 1.63 6.29
CA GLN A 4 1.83 0.14 6.10
C GLN A 4 0.56 -0.36 5.40
N CYS A 5 0.72 -1.45 4.71
CA CYS A 5 -0.43 -2.07 3.99
C CYS A 5 -1.09 -3.06 4.96
N LYS A 6 -2.39 -3.09 4.92
CA LYS A 6 -3.15 -4.01 5.83
C LYS A 6 -3.62 -5.22 5.02
N THR A 7 -2.73 -5.65 4.15
CA THR A 7 -3.01 -6.81 3.27
C THR A 7 -1.81 -7.76 3.27
N CYS A 8 -0.62 -7.21 3.17
CA CYS A 8 0.62 -8.05 3.14
C CYS A 8 1.51 -7.71 4.33
N GLN A 9 1.49 -6.43 4.64
CA GLN A 9 2.26 -5.77 5.75
C GLN A 9 3.63 -5.35 5.23
N ARG A 10 3.53 -4.58 4.19
CA ARG A 10 4.71 -4.00 3.49
C ARG A 10 4.62 -2.55 3.92
N LYS A 11 5.73 -1.86 3.98
CA LYS A 11 5.67 -0.43 4.41
C LYS A 11 6.15 0.48 3.27
N PHE A 12 5.75 1.71 3.39
CA PHE A 12 6.10 2.77 2.38
C PHE A 12 6.57 4.04 3.09
N SER A 13 6.84 5.03 2.29
CA SER A 13 7.33 6.36 2.80
C SER A 13 6.16 7.34 2.89
N ARG A 14 5.32 7.30 1.89
CA ARG A 14 4.13 8.20 1.83
C ARG A 14 2.83 7.39 1.84
N SER A 15 1.75 8.13 1.81
CA SER A 15 0.39 7.53 1.80
C SER A 15 -0.05 7.33 0.35
N ASP A 16 0.31 8.25 -0.52
CA ASP A 16 -0.08 8.11 -1.96
C ASP A 16 0.69 6.92 -2.53
N HIS A 17 1.80 6.63 -1.90
CA HIS A 17 2.65 5.49 -2.35
C HIS A 17 1.86 4.24 -1.95
N LEU A 18 1.59 4.12 -0.67
CA LEU A 18 0.81 2.95 -0.15
C LEU A 18 -0.46 2.74 -1.01
N LYS A 19 -1.16 3.80 -1.30
CA LYS A 19 -2.41 3.71 -2.13
C LYS A 19 -2.10 3.03 -3.47
N THR A 20 -1.11 3.51 -4.18
CA THR A 20 -0.76 2.89 -5.49
C THR A 20 -0.47 1.39 -5.27
N HIS A 21 0.24 1.12 -4.20
CA HIS A 21 0.60 -0.29 -3.84
C HIS A 21 -0.62 -1.20 -3.66
N THR A 22 -1.46 -0.87 -2.70
CA THR A 22 -2.69 -1.62 -2.36
C THR A 22 -3.45 -2.06 -3.60
N ARG A 23 -3.27 -1.30 -4.65
CA ARG A 23 -3.97 -1.63 -5.91
C ARG A 23 -3.14 -2.66 -6.73
N THR A 24 -2.66 -3.61 -5.97
CA THR A 24 -1.82 -4.76 -6.42
C THR A 24 -2.55 -6.02 -5.92
N HIS A 25 -3.27 -5.80 -4.83
CA HIS A 25 -4.06 -6.87 -4.16
C HIS A 25 -5.51 -6.66 -4.63
N THR A 26 -5.93 -5.42 -4.57
CA THR A 26 -7.31 -5.03 -4.99
C THR A 26 -7.27 -4.23 -6.30
N GLY A 27 -6.68 -4.83 -7.30
CA GLY A 27 -6.57 -4.18 -8.64
C GLY A 27 -7.48 -4.90 -9.64
N GLU A 28 -8.75 -4.88 -9.30
CA GLU A 28 -9.85 -5.50 -10.07
C GLU A 28 -9.71 -5.69 -11.59
N LYS A 29 -10.36 -6.75 -12.02
CA LYS A 29 -10.42 -7.20 -13.45
C LYS A 29 -9.91 -6.20 -14.50
N LYS A 1 6.57 10.00 6.82
CA LYS A 1 5.83 9.58 8.05
C LYS A 1 5.25 8.15 7.80
N PRO A 2 6.10 7.15 7.86
CA PRO A 2 5.84 5.76 7.36
C PRO A 2 4.40 5.25 7.41
N PHE A 3 4.10 4.51 6.37
CA PHE A 3 2.76 3.88 6.16
C PHE A 3 2.94 2.38 6.01
N GLN A 4 1.86 1.64 6.16
CA GLN A 4 1.94 0.16 6.02
C GLN A 4 0.67 -0.37 5.33
N CYS A 5 0.82 -1.53 4.75
CA CYS A 5 -0.31 -2.19 4.05
C CYS A 5 -0.85 -3.24 5.00
N LYS A 6 -2.13 -3.17 5.25
CA LYS A 6 -2.78 -4.15 6.17
C LYS A 6 -3.44 -5.24 5.33
N THR A 7 -2.70 -5.61 4.30
CA THR A 7 -3.13 -6.66 3.35
C THR A 7 -2.00 -7.70 3.25
N CYS A 8 -0.78 -7.22 3.19
CA CYS A 8 0.39 -8.16 3.09
C CYS A 8 1.35 -7.92 4.24
N GLN A 9 1.51 -6.64 4.53
CA GLN A 9 2.38 -6.05 5.61
C GLN A 9 3.70 -5.54 5.04
N ARG A 10 3.54 -4.64 4.10
CA ARG A 10 4.70 -3.99 3.42
C ARG A 10 4.63 -2.55 3.89
N LYS A 11 5.72 -1.83 3.83
CA LYS A 11 5.69 -0.40 4.29
C LYS A 11 6.00 0.58 3.15
N PHE A 12 5.60 1.81 3.40
CA PHE A 12 5.80 2.93 2.42
C PHE A 12 6.24 4.16 3.23
N SER A 13 6.55 5.24 2.55
CA SER A 13 7.00 6.48 3.26
C SER A 13 6.15 7.73 3.05
N ARG A 14 5.42 7.78 1.96
CA ARG A 14 4.58 8.97 1.65
C ARG A 14 3.07 8.84 1.95
N SER A 15 2.46 7.81 1.41
CA SER A 15 1.02 7.41 1.51
C SER A 15 0.50 7.15 0.09
N ASP A 16 0.88 7.99 -0.85
CA ASP A 16 0.40 7.78 -2.26
C ASP A 16 0.99 6.43 -2.65
N HIS A 17 2.17 6.19 -2.11
CA HIS A 17 2.89 4.93 -2.37
C HIS A 17 1.93 3.83 -1.88
N LEU A 18 1.61 3.88 -0.61
CA LEU A 18 0.67 2.88 -0.02
C LEU A 18 -0.55 2.65 -0.91
N LYS A 19 -1.28 3.69 -1.23
CA LYS A 19 -2.48 3.56 -2.11
C LYS A 19 -2.19 2.76 -3.38
N THR A 20 -1.22 3.22 -4.14
CA THR A 20 -0.83 2.53 -5.41
C THR A 20 -0.60 1.03 -5.12
N HIS A 21 0.11 0.82 -4.04
CA HIS A 21 0.45 -0.56 -3.59
C HIS A 21 -0.82 -1.40 -3.23
N THR A 22 -1.72 -0.85 -2.46
CA THR A 22 -2.96 -1.57 -2.07
C THR A 22 -3.87 -1.79 -3.29
N ARG A 23 -3.55 -1.13 -4.38
CA ARG A 23 -4.36 -1.28 -5.62
C ARG A 23 -3.51 -2.14 -6.58
N THR A 24 -3.02 -3.16 -5.94
CA THR A 24 -2.14 -4.22 -6.53
C THR A 24 -2.84 -5.51 -6.11
N HIS A 25 -3.20 -5.53 -4.85
CA HIS A 25 -3.92 -6.69 -4.24
C HIS A 25 -5.33 -6.62 -4.84
N THR A 26 -5.71 -5.40 -5.13
CA THR A 26 -7.05 -5.11 -5.73
C THR A 26 -6.81 -5.02 -7.23
N GLY A 27 -5.85 -4.21 -7.56
CA GLY A 27 -5.44 -3.98 -8.97
C GLY A 27 -5.99 -2.62 -9.40
N GLU A 28 -7.29 -2.56 -9.33
CA GLU A 28 -8.13 -1.36 -9.68
C GLU A 28 -7.37 -0.05 -9.99
N LYS A 29 -6.76 -0.04 -11.15
CA LYS A 29 -5.97 1.13 -11.65
C LYS A 29 -6.55 1.56 -13.00
N LYS A 1 6.81 7.90 11.05
CA LYS A 1 5.36 7.55 11.00
C LYS A 1 5.03 6.87 9.65
N PRO A 2 5.60 5.70 9.43
CA PRO A 2 5.43 4.93 8.15
C PRO A 2 3.97 4.68 7.74
N PHE A 3 3.85 4.29 6.51
CA PHE A 3 2.54 3.98 5.87
C PHE A 3 2.54 2.50 5.51
N GLN A 4 1.84 1.71 6.28
CA GLN A 4 1.81 0.25 5.97
C GLN A 4 0.52 -0.22 5.29
N CYS A 5 0.69 -1.35 4.66
CA CYS A 5 -0.36 -2.05 3.91
C CYS A 5 -0.77 -3.22 4.80
N LYS A 6 -1.95 -3.16 5.36
CA LYS A 6 -2.38 -4.29 6.24
C LYS A 6 -3.20 -5.25 5.37
N THR A 7 -2.59 -5.54 4.25
CA THR A 7 -3.16 -6.45 3.23
C THR A 7 -2.05 -7.50 3.07
N CYS A 8 -0.82 -7.05 3.05
CA CYS A 8 0.33 -7.99 2.90
C CYS A 8 1.33 -7.85 4.05
N GLN A 9 1.50 -6.62 4.50
CA GLN A 9 2.40 -6.17 5.62
C GLN A 9 3.68 -5.57 5.01
N ARG A 10 3.45 -4.56 4.19
CA ARG A 10 4.57 -3.82 3.50
C ARG A 10 4.47 -2.37 3.96
N LYS A 11 5.58 -1.69 4.12
CA LYS A 11 5.50 -0.27 4.58
C LYS A 11 5.93 0.70 3.48
N PHE A 12 5.63 1.96 3.69
CA PHE A 12 5.97 3.00 2.68
C PHE A 12 6.47 4.28 3.36
N SER A 13 6.87 5.19 2.52
CA SER A 13 7.39 6.51 2.96
C SER A 13 6.28 7.56 2.91
N ARG A 14 5.45 7.44 1.91
CA ARG A 14 4.29 8.38 1.72
C ARG A 14 2.97 7.62 1.90
N SER A 15 1.89 8.37 1.86
CA SER A 15 0.53 7.77 2.04
C SER A 15 -0.16 7.64 0.67
N ASP A 16 0.63 7.85 -0.36
CA ASP A 16 0.19 7.78 -1.78
C ASP A 16 0.94 6.59 -2.39
N HIS A 17 2.14 6.39 -1.88
CA HIS A 17 3.01 5.26 -2.34
C HIS A 17 2.33 3.96 -1.86
N LEU A 18 1.60 4.10 -0.78
CA LEU A 18 0.85 2.97 -0.16
C LEU A 18 -0.41 2.70 -1.00
N LYS A 19 -1.15 3.74 -1.31
CA LYS A 19 -2.39 3.56 -2.14
C LYS A 19 -2.05 2.79 -3.41
N THR A 20 -1.21 3.40 -4.21
CA THR A 20 -0.75 2.81 -5.50
C THR A 20 -0.41 1.32 -5.33
N HIS A 21 0.25 1.05 -4.24
CA HIS A 21 0.67 -0.34 -3.91
C HIS A 21 -0.52 -1.30 -3.64
N THR A 22 -1.37 -0.96 -2.71
CA THR A 22 -2.53 -1.85 -2.38
C THR A 22 -3.45 -2.09 -3.59
N ARG A 23 -3.22 -1.34 -4.65
CA ARG A 23 -4.05 -1.52 -5.88
C ARG A 23 -3.33 -2.57 -6.76
N THR A 24 -2.82 -3.54 -6.04
CA THR A 24 -2.07 -4.72 -6.56
C THR A 24 -2.71 -5.95 -5.88
N HIS A 25 -3.49 -5.66 -4.86
CA HIS A 25 -4.22 -6.67 -4.05
C HIS A 25 -5.67 -6.56 -4.51
N THR A 26 -6.07 -5.32 -4.63
CA THR A 26 -7.46 -4.96 -5.08
C THR A 26 -7.42 -4.73 -6.59
N GLY A 27 -6.31 -4.22 -7.04
CA GLY A 27 -6.11 -3.93 -8.50
C GLY A 27 -5.09 -4.87 -9.12
N GLU A 28 -5.37 -6.15 -9.01
CA GLU A 28 -4.49 -7.19 -9.58
C GLU A 28 -5.06 -7.62 -10.94
N LYS A 29 -4.27 -8.36 -11.68
CA LYS A 29 -4.72 -8.84 -13.03
C LYS A 29 -4.71 -10.37 -13.11
#